data_7X26
#
_entry.id   7X26
#
loop_
_entity.id
_entity.type
_entity.pdbx_description
1 polymer 'antibody S41 heavy chain'
2 polymer 'Spike glycoprotein'
3 polymer 'antibody S41 light chain'
#
loop_
_entity_poly.entity_id
_entity_poly.type
_entity_poly.pdbx_seq_one_letter_code
_entity_poly.pdbx_strand_id
1 'polypeptide(L)'
;QVQLVQSGAEVKKPGSSVKVSCKASGGTFSSYGITWVRQAPGQGLEWMGRIIPILGISRSVQKFQGRITITADKSTSTAY
MDLSGLTSDDTAVYYCAREGGSGYDFFDYWGQGTLVTVSSASTKGPSVFPLAPSSKSTSGGTAALGCLVKDYFPEPVTVS
WNSGALTSGVHTFPAVLQSSGLYSLSSVVTVPSSSLGTQTYICNVNHKPSNTKVDKRVEPK
;
H
2 'polypeptide(L)'
;VECDFSPLLSGTPPQVYNFKRLVFTNCNYNLTKLLSLFSVNDFTCSQISPAAIASNCYSSLILDYFSYPLSMKSDLSVSS
AGPISQFNYKQSFSNPTCLILATVPHNLTTITKPLKYSYINKCSRLLSDDRTEVPQLVNANQYSPCVSTVPSTVWEDGDY
YRKQLSPLEGGGWLVASGSTVAMTEQLQMGFGITVQYGTDTNSVCPKA
;
I
3 'polypeptide(L)'
;EIVLTQSPGTLSLSPGERATLSCRASQSVSSSYLAWYQQRPGQAPRLLIYGASSRATGIPDRFSGSGSGTDFTLTIGRLE
PEDSAVYYCQQYGSSPWTFGQGTKVEIKRTVAAPSVFIFPPSDEQLKSGTASVVCLLNNFYPREAKVQWKVDNALQSGNS
QESVTEQDSKDSTYSLSSTLTLSKADYEKHKVYACEVTHQGLSSPVTKSFNR
;
K
#
# COMPACT_ATOMS: atom_id res chain seq x y z
N GLN A 1 1.30 -2.86 17.37
CA GLN A 1 0.80 -3.97 16.55
C GLN A 1 -0.70 -3.83 16.35
N VAL A 2 -1.08 -3.03 15.35
CA VAL A 2 -2.53 -2.76 15.11
C VAL A 2 -3.03 -3.54 13.90
N GLN A 3 -3.98 -4.45 14.10
CA GLN A 3 -4.58 -5.19 12.96
C GLN A 3 -5.45 -4.23 12.15
N LEU A 4 -5.44 -4.37 10.82
CA LEU A 4 -6.21 -3.43 9.96
C LEU A 4 -7.38 -4.21 9.33
N VAL A 5 -8.59 -3.76 9.61
CA VAL A 5 -9.82 -4.45 9.12
C VAL A 5 -10.51 -3.52 8.11
N GLN A 6 -10.86 -4.05 6.94
CA GLN A 6 -11.28 -3.19 5.80
C GLN A 6 -12.79 -3.34 5.61
N SER A 7 -13.28 -3.12 4.39
CA SER A 7 -14.71 -3.35 4.04
C SER A 7 -14.81 -4.55 3.10
N GLY A 8 -15.88 -4.58 2.28
CA GLY A 8 -16.29 -5.82 1.60
C GLY A 8 -16.71 -5.57 0.16
N ALA A 9 -16.67 -6.61 -0.67
CA ALA A 9 -16.55 -6.46 -2.14
C ALA A 9 -17.70 -5.64 -2.69
N GLU A 10 -17.47 -4.34 -2.84
CA GLU A 10 -18.37 -3.44 -3.61
C GLU A 10 -18.47 -3.97 -5.04
N VAL A 11 -19.69 -4.22 -5.52
CA VAL A 11 -19.92 -4.38 -6.97
C VAL A 11 -20.55 -3.08 -7.49
N LYS A 12 -19.81 -2.32 -8.31
CA LYS A 12 -20.30 -1.04 -8.86
C LYS A 12 -20.41 -1.13 -10.39
N LYS A 13 -20.93 -0.07 -11.03
CA LYS A 13 -21.21 -0.09 -12.50
C LYS A 13 -20.25 0.87 -13.22
N PRO A 14 -19.77 0.58 -14.45
CA PRO A 14 -18.72 1.37 -15.09
C PRO A 14 -19.13 2.84 -15.20
N GLY A 15 -18.65 3.68 -14.29
CA GLY A 15 -19.23 5.02 -14.06
C GLY A 15 -19.99 5.04 -12.75
N SER A 16 -19.26 4.95 -11.62
CA SER A 16 -19.89 4.94 -10.28
C SER A 16 -18.95 5.58 -9.26
N SER A 17 -18.80 4.93 -8.10
CA SER A 17 -18.18 5.54 -6.90
C SER A 17 -18.15 4.51 -5.77
N VAL A 18 -16.99 4.31 -5.15
CA VAL A 18 -16.78 3.26 -4.12
C VAL A 18 -16.04 3.88 -2.95
N LYS A 19 -16.61 3.83 -1.74
CA LYS A 19 -15.89 4.28 -0.52
C LYS A 19 -15.37 3.06 0.24
N VAL A 20 -14.13 2.66 -0.04
CA VAL A 20 -13.50 1.57 0.70
C VAL A 20 -13.03 2.08 2.05
N SER A 21 -13.46 1.42 3.12
CA SER A 21 -13.27 1.89 4.48
C SER A 21 -12.31 0.97 5.24
N CYS A 22 -11.13 1.48 5.56
CA CYS A 22 -10.11 0.78 6.34
C CYS A 22 -10.20 1.28 7.78
N LYS A 23 -10.40 0.34 8.70
CA LYS A 23 -10.65 0.66 10.14
C LYS A 23 -9.39 0.37 10.96
N ALA A 24 -9.08 1.26 11.90
CA ALA A 24 -7.80 1.24 12.65
C ALA A 24 -8.01 0.59 14.02
N SER A 25 -8.46 -0.67 14.03
CA SER A 25 -8.80 -1.42 15.26
C SER A 25 -7.78 -1.13 16.37
N GLY A 26 -8.26 -0.55 17.47
CA GLY A 26 -7.40 -0.03 18.54
C GLY A 26 -7.94 1.31 19.02
N GLY A 27 -8.51 2.08 18.10
CA GLY A 27 -8.96 3.47 18.37
C GLY A 27 -7.85 4.46 18.07
N THR A 28 -6.71 3.97 17.59
CA THR A 28 -5.45 4.74 17.59
C THR A 28 -4.91 4.86 16.16
N PHE A 29 -5.23 5.97 15.49
CA PHE A 29 -4.34 6.46 14.41
C PHE A 29 -3.27 7.33 15.07
N SER A 30 -2.08 6.76 15.26
CA SER A 30 -0.90 7.51 15.77
C SER A 30 -0.23 8.22 14.59
N SER A 31 1.00 8.66 14.77
CA SER A 31 1.77 9.24 13.65
C SER A 31 2.03 8.16 12.59
N TYR A 32 0.98 7.81 11.84
CA TYR A 32 1.01 6.63 10.95
C TYR A 32 0.06 6.84 9.78
N GLY A 33 0.60 6.92 8.57
CA GLY A 33 -0.23 7.09 7.37
C GLY A 33 -1.00 5.83 7.03
N ILE A 34 -2.03 5.95 6.19
CA ILE A 34 -2.57 4.77 5.45
C ILE A 34 -2.23 4.94 3.96
N THR A 35 -1.46 4.02 3.40
CA THR A 35 -1.20 4.05 1.93
C THR A 35 -2.05 2.99 1.24
N TRP A 36 -2.67 3.34 0.12
CA TRP A 36 -3.54 2.36 -0.58
C TRP A 36 -2.77 1.75 -1.75
N VAL A 37 -3.05 0.49 -2.08
CA VAL A 37 -2.19 -0.28 -3.02
C VAL A 37 -3.09 -1.15 -3.89
N ARG A 38 -3.15 -0.88 -5.18
CA ARG A 38 -4.00 -1.69 -6.09
C ARG A 38 -3.35 -3.04 -6.30
N GLN A 39 -4.11 -3.98 -6.88
CA GLN A 39 -3.52 -5.21 -7.46
C GLN A 39 -4.55 -5.78 -8.44
N ALA A 40 -4.42 -5.45 -9.73
CA ALA A 40 -5.33 -6.03 -10.73
C ALA A 40 -5.33 -7.55 -10.60
N PRO A 41 -6.46 -8.26 -10.86
CA PRO A 41 -6.53 -9.70 -10.68
C PRO A 41 -5.42 -10.41 -11.48
N GLY A 42 -4.65 -11.26 -10.82
CA GLY A 42 -3.49 -11.91 -11.45
C GLY A 42 -2.50 -10.89 -11.98
N GLN A 43 -2.04 -9.98 -11.13
CA GLN A 43 -1.04 -8.95 -11.51
C GLN A 43 -0.29 -8.46 -10.26
N GLY A 44 0.41 -7.34 -10.42
CA GLY A 44 1.47 -6.92 -9.48
C GLY A 44 1.20 -5.54 -8.94
N LEU A 45 1.51 -5.33 -7.66
CA LEU A 45 0.95 -4.22 -6.86
C LEU A 45 1.36 -2.87 -7.46
N GLU A 46 0.55 -1.84 -7.24
CA GLU A 46 0.86 -0.42 -7.61
C GLU A 46 0.77 0.47 -6.37
N TRP A 47 0.94 1.78 -6.54
CA TRP A 47 0.64 2.73 -5.44
C TRP A 47 -0.50 3.67 -5.88
N MET A 48 -1.31 4.16 -4.93
CA MET A 48 -2.55 4.89 -5.27
C MET A 48 -2.65 6.16 -4.42
N GLY A 49 -2.18 6.13 -3.16
CA GLY A 49 -2.16 7.37 -2.41
C GLY A 49 -1.86 7.13 -0.96
N ARG A 50 -1.67 8.23 -0.23
CA ARG A 50 -1.30 8.22 1.18
C ARG A 50 -1.97 9.37 1.90
N ILE A 51 -2.33 9.14 3.16
CA ILE A 51 -2.83 10.20 4.04
C ILE A 51 -2.23 10.09 5.43
N ILE A 52 -2.29 11.17 6.18
CA ILE A 52 -2.00 11.16 7.61
C ILE A 52 -3.16 11.84 8.34
N PRO A 53 -3.99 11.11 9.08
CA PRO A 53 -5.06 11.77 9.83
C PRO A 53 -4.54 12.76 10.85
N ILE A 54 -3.31 12.60 11.30
CA ILE A 54 -2.75 13.50 12.30
C ILE A 54 -2.62 14.91 11.75
N LEU A 55 -2.44 15.02 10.44
CA LEU A 55 -2.27 16.32 9.79
C LEU A 55 -3.27 16.55 8.67
N GLY A 56 -4.06 15.54 8.32
CA GLY A 56 -5.02 15.67 7.24
C GLY A 56 -4.43 15.71 5.86
N ILE A 57 -3.11 15.61 5.72
CA ILE A 57 -2.47 15.70 4.42
C ILE A 57 -2.72 14.43 3.62
N SER A 58 -2.87 14.61 2.30
CA SER A 58 -3.13 13.54 1.35
C SER A 58 -2.26 13.74 0.12
N ARG A 59 -1.88 12.64 -0.52
CA ARG A 59 -1.09 12.66 -1.74
C ARG A 59 -1.50 11.49 -2.63
N SER A 60 -1.47 11.72 -3.94
CA SER A 60 -1.96 10.74 -4.90
C SER A 60 -1.01 10.60 -6.07
N VAL A 61 -0.97 9.39 -6.64
CA VAL A 61 -0.19 9.16 -7.85
C VAL A 61 -0.78 9.93 -9.01
N GLN A 62 0.06 10.21 -10.01
CA GLN A 62 -0.34 11.12 -11.07
C GLN A 62 -1.48 10.56 -11.92
N LYS A 63 -1.41 9.27 -12.25
CA LYS A 63 -2.42 8.66 -13.14
C LYS A 63 -3.80 8.80 -12.49
N PHE A 64 -3.95 8.28 -11.27
CA PHE A 64 -5.17 8.47 -10.45
C PHE A 64 -5.10 9.83 -9.78
N GLN A 65 -5.28 10.91 -10.55
CA GLN A 65 -5.44 12.26 -9.93
C GLN A 65 -6.57 12.99 -10.64
N GLY A 66 -7.59 13.41 -9.87
CA GLY A 66 -8.84 13.94 -10.41
C GLY A 66 -9.98 12.94 -10.31
N ARG A 67 -9.69 11.74 -9.81
CA ARG A 67 -10.70 10.65 -9.72
C ARG A 67 -10.72 10.07 -8.29
N ILE A 68 -9.75 10.41 -7.45
CA ILE A 68 -9.62 9.72 -6.17
C ILE A 68 -9.58 10.76 -5.07
N THR A 69 -10.31 10.50 -3.98
CA THR A 69 -10.21 11.33 -2.78
C THR A 69 -10.02 10.41 -1.58
N ILE A 70 -8.87 10.53 -0.92
CA ILE A 70 -8.54 9.69 0.23
C ILE A 70 -8.67 10.55 1.48
N THR A 71 -9.60 10.19 2.35
CA THR A 71 -9.87 10.98 3.54
C THR A 71 -9.79 10.08 4.76
N ALA A 72 -9.79 10.68 5.95
CA ALA A 72 -9.82 9.93 7.19
C ALA A 72 -10.48 10.77 8.27
N ASP A 73 -11.19 10.09 9.18
CA ASP A 73 -11.88 10.78 10.31
C ASP A 73 -11.10 10.51 11.60
N LYS A 74 -10.11 11.35 11.91
CA LYS A 74 -9.14 11.08 13.02
C LYS A 74 -9.87 10.77 14.31
N SER A 75 -10.94 11.51 14.60
CA SER A 75 -11.69 11.35 15.88
C SER A 75 -12.22 9.92 16.03
N THR A 76 -12.98 9.43 15.03
CA THR A 76 -13.50 8.04 15.08
C THR A 76 -12.42 7.09 14.54
N SER A 77 -11.32 7.65 14.03
CA SER A 77 -10.12 6.95 13.55
C SER A 77 -10.45 5.89 12.50
N THR A 78 -11.02 6.32 11.38
CA THR A 78 -11.33 5.38 10.26
C THR A 78 -11.01 6.10 8.93
N ALA A 79 -10.23 5.45 8.06
CA ALA A 79 -9.77 6.05 6.80
C ALA A 79 -10.53 5.47 5.61
N TYR A 80 -10.78 6.28 4.58
CA TYR A 80 -11.56 5.84 3.38
C TYR A 80 -10.92 6.40 2.11
N MET A 81 -10.99 5.66 1.01
CA MET A 81 -10.83 6.27 -0.34
C MET A 81 -12.21 6.46 -0.95
N ASP A 82 -12.30 7.17 -2.06
CA ASP A 82 -13.59 7.32 -2.78
C ASP A 82 -13.32 7.43 -4.28
N LEU A 83 -13.02 6.31 -4.93
CA LEU A 83 -12.58 6.37 -6.34
C LEU A 83 -13.78 6.70 -7.20
N SER A 84 -14.12 7.98 -7.32
CA SER A 84 -15.21 8.40 -8.19
C SER A 84 -14.73 8.48 -9.64
N GLY A 85 -15.68 8.34 -10.57
CA GLY A 85 -15.33 8.37 -11.97
C GLY A 85 -14.44 7.23 -12.42
N LEU A 86 -14.83 5.99 -12.12
CA LEU A 86 -13.98 4.85 -12.40
C LEU A 86 -14.53 4.06 -13.59
N THR A 87 -13.60 3.46 -14.34
CA THR A 87 -13.95 2.65 -15.51
C THR A 87 -13.99 1.18 -15.16
N SER A 88 -14.08 0.35 -16.19
CA SER A 88 -14.15 -1.10 -15.99
C SER A 88 -12.77 -1.68 -15.73
N ASP A 89 -11.72 -0.89 -15.98
CA ASP A 89 -10.36 -1.41 -15.84
C ASP A 89 -9.86 -1.36 -14.40
N ASP A 90 -10.66 -0.82 -13.48
CA ASP A 90 -10.23 -0.71 -12.10
C ASP A 90 -10.72 -1.87 -11.24
N THR A 91 -11.24 -2.92 -11.88
CA THR A 91 -11.68 -4.11 -11.16
C THR A 91 -10.47 -4.85 -10.60
N ALA A 92 -10.20 -4.60 -9.32
CA ALA A 92 -8.99 -5.08 -8.69
C ALA A 92 -9.16 -5.13 -7.19
N VAL A 93 -8.26 -5.85 -6.51
CA VAL A 93 -8.29 -5.92 -5.06
C VAL A 93 -7.44 -4.80 -4.48
N TYR A 94 -8.01 -4.04 -3.54
CA TYR A 94 -7.37 -2.80 -3.04
C TYR A 94 -6.98 -3.03 -1.58
N TYR A 95 -5.71 -2.81 -1.23
CA TYR A 95 -5.23 -2.99 0.17
C TYR A 95 -5.00 -1.63 0.83
N CYS A 96 -5.08 -1.58 2.15
CA CYS A 96 -4.69 -0.38 2.94
C CYS A 96 -3.55 -0.77 3.87
N ALA A 97 -2.54 0.10 4.01
CA ALA A 97 -1.28 -0.31 4.65
C ALA A 97 -0.69 0.86 5.45
N ARG A 98 0.15 0.57 6.44
CA ARG A 98 0.60 1.59 7.41
C ARG A 98 1.96 2.18 6.96
N GLU A 99 2.04 3.50 6.76
CA GLU A 99 3.27 4.22 6.48
C GLU A 99 4.23 4.20 7.66
N GLY A 100 5.34 4.90 7.48
CA GLY A 100 6.30 5.11 8.54
C GLY A 100 6.90 6.50 8.59
N GLY A 101 6.60 7.35 7.61
CA GLY A 101 7.20 8.66 7.56
C GLY A 101 7.80 8.94 6.21
N SER A 102 8.97 9.58 6.25
CA SER A 102 9.66 10.19 5.08
C SER A 102 10.60 9.17 4.42
N GLY A 103 11.66 8.78 5.14
CA GLY A 103 12.66 7.84 4.59
C GLY A 103 12.34 6.41 4.95
N TYR A 104 11.21 6.19 5.64
CA TYR A 104 10.82 4.84 6.11
C TYR A 104 9.39 4.56 5.66
N ASP A 105 9.05 4.94 4.42
CA ASP A 105 7.71 4.63 3.86
C ASP A 105 7.74 3.23 3.23
N PHE A 106 8.04 2.21 4.04
CA PHE A 106 7.75 0.81 3.69
C PHE A 106 6.41 0.42 4.36
N PHE A 107 5.64 -0.46 3.72
CA PHE A 107 4.25 -0.74 4.17
C PHE A 107 4.29 -1.89 5.18
N ASP A 108 4.27 -1.56 6.46
CA ASP A 108 4.41 -2.54 7.57
C ASP A 108 3.21 -3.48 7.59
N TYR A 109 2.16 -3.14 8.33
CA TYR A 109 0.96 -4.01 8.48
C TYR A 109 -0.07 -3.67 7.41
N TRP A 110 -0.76 -4.70 6.87
CA TRP A 110 -1.64 -4.52 5.69
C TRP A 110 -3.09 -4.81 6.06
N GLY A 111 -4.04 -4.40 5.21
CA GLY A 111 -5.44 -4.76 5.45
C GLY A 111 -5.81 -6.06 4.75
N GLN A 112 -6.93 -6.68 5.14
CA GLN A 112 -7.36 -7.98 4.54
C GLN A 112 -7.57 -7.81 3.03
N GLY A 113 -8.13 -6.68 2.60
CA GLY A 113 -8.30 -6.40 1.17
C GLY A 113 -9.76 -6.43 0.73
N THR A 114 -10.13 -5.60 -0.27
CA THR A 114 -11.56 -5.41 -0.63
C THR A 114 -11.76 -5.39 -2.15
N LEU A 115 -12.17 -6.51 -2.74
CA LEU A 115 -12.22 -6.66 -4.21
C LEU A 115 -13.35 -5.81 -4.79
N VAL A 116 -13.04 -4.72 -5.50
CA VAL A 116 -14.07 -3.93 -6.23
C VAL A 116 -14.27 -4.54 -7.63
N THR A 117 -15.53 -4.84 -7.98
CA THR A 117 -15.89 -5.51 -9.25
C THR A 117 -16.84 -4.62 -10.06
N VAL A 118 -16.36 -4.02 -11.15
CA VAL A 118 -17.03 -2.86 -11.80
C VAL A 118 -17.36 -3.19 -13.26
N SER A 119 -18.59 -3.65 -13.51
CA SER A 119 -19.16 -3.89 -14.83
C SER A 119 -20.66 -4.13 -14.68
N SER A 120 -21.43 -3.46 -15.54
CA SER A 120 -22.88 -3.53 -15.47
C SER A 120 -23.40 -4.83 -16.12
N ALA A 121 -23.25 -5.92 -15.39
CA ALA A 121 -23.82 -7.19 -15.84
C ALA A 121 -24.94 -7.70 -14.95
N SER A 122 -24.67 -7.96 -13.66
CA SER A 122 -25.67 -8.50 -12.72
C SER A 122 -25.10 -8.76 -11.34
N THR A 123 -25.99 -9.10 -10.39
CA THR A 123 -25.64 -9.76 -9.11
C THR A 123 -26.48 -11.02 -8.97
N LYS A 124 -25.85 -12.18 -8.74
CA LYS A 124 -26.57 -13.47 -8.75
C LYS A 124 -26.21 -14.26 -7.49
N GLY A 125 -27.15 -15.07 -7.00
CA GLY A 125 -27.07 -15.65 -5.65
C GLY A 125 -26.38 -17.00 -5.61
N PRO A 126 -25.55 -17.31 -4.58
CA PRO A 126 -24.81 -18.57 -4.54
C PRO A 126 -25.74 -19.79 -4.44
N SER A 127 -26.20 -20.28 -5.59
CA SER A 127 -27.03 -21.53 -5.61
C SER A 127 -26.17 -22.71 -5.16
N VAL A 128 -26.30 -23.14 -3.90
CA VAL A 128 -25.44 -24.25 -3.40
C VAL A 128 -25.95 -25.55 -4.02
N PHE A 129 -25.03 -26.50 -4.26
CA PHE A 129 -25.33 -27.69 -5.08
C PHE A 129 -25.13 -28.95 -4.24
N PRO A 130 -25.66 -30.12 -4.66
CA PRO A 130 -25.56 -31.36 -3.90
C PRO A 130 -24.13 -31.68 -3.44
N LEU A 131 -24.00 -32.33 -2.28
CA LEU A 131 -22.68 -32.84 -1.80
C LEU A 131 -22.49 -34.29 -2.27
N ALA A 132 -23.29 -35.20 -1.70
CA ALA A 132 -23.34 -36.64 -2.07
C ALA A 132 -21.97 -37.30 -1.89
N PRO A 133 -21.55 -37.63 -0.64
CA PRO A 133 -20.31 -38.37 -0.42
C PRO A 133 -20.32 -39.71 -1.16
N SER A 134 -19.20 -40.03 -1.84
CA SER A 134 -18.94 -41.39 -2.38
C SER A 134 -18.99 -42.43 -1.24
N SER A 135 -19.62 -43.58 -1.52
CA SER A 135 -19.75 -44.70 -0.56
C SER A 135 -18.39 -45.36 -0.36
N LYS A 136 -18.07 -46.35 -1.19
CA LYS A 136 -16.84 -47.17 -1.03
C LYS A 136 -15.62 -46.33 -1.41
N SER A 137 -14.94 -45.75 -0.41
CA SER A 137 -13.77 -44.86 -0.62
C SER A 137 -12.55 -45.41 0.11
N THR A 138 -11.92 -44.58 0.96
CA THR A 138 -10.75 -45.00 1.79
C THR A 138 -11.24 -45.91 2.94
N SER A 139 -10.32 -46.63 3.59
CA SER A 139 -10.70 -47.54 4.69
C SER A 139 -10.72 -46.78 6.03
N GLY A 140 -11.06 -45.49 5.99
CA GLY A 140 -11.30 -44.71 7.22
C GLY A 140 -10.56 -43.40 7.20
N GLY A 141 -9.34 -43.42 6.63
CA GLY A 141 -8.45 -42.24 6.65
C GLY A 141 -9.14 -40.99 6.13
N THR A 142 -9.56 -41.00 4.86
CA THR A 142 -10.21 -39.82 4.26
C THR A 142 -11.51 -40.22 3.56
N ALA A 143 -12.63 -39.99 4.24
CA ALA A 143 -13.97 -40.04 3.61
C ALA A 143 -14.29 -38.65 3.06
N ALA A 144 -14.10 -38.45 1.75
CA ALA A 144 -14.20 -37.11 1.19
C ALA A 144 -15.65 -36.72 0.97
N LEU A 145 -16.00 -35.51 1.40
CA LEU A 145 -17.31 -34.95 1.11
C LEU A 145 -17.17 -33.45 0.94
N GLY A 146 -17.94 -32.90 0.01
CA GLY A 146 -17.85 -31.48 -0.27
C GLY A 146 -19.15 -30.90 -0.77
N CYS A 147 -19.52 -29.73 -0.26
CA CYS A 147 -20.72 -29.04 -0.70
C CYS A 147 -20.34 -27.98 -1.72
N LEU A 148 -20.80 -28.16 -2.95
CA LEU A 148 -20.36 -27.37 -4.09
C LEU A 148 -21.14 -26.07 -4.15
N VAL A 149 -20.49 -25.01 -4.65
CA VAL A 149 -21.15 -23.69 -4.88
C VAL A 149 -21.06 -23.36 -6.37
N LYS A 150 -22.16 -23.55 -7.10
CA LYS A 150 -22.16 -23.18 -8.55
C LYS A 150 -23.18 -22.05 -8.78
N ASP A 151 -23.17 -21.49 -9.99
CA ASP A 151 -24.15 -20.44 -10.40
C ASP A 151 -24.16 -19.33 -9.36
N TYR A 152 -23.12 -18.48 -9.34
CA TYR A 152 -23.16 -17.12 -8.75
C TYR A 152 -22.31 -16.17 -9.60
N PHE A 153 -22.59 -14.86 -9.61
CA PHE A 153 -21.78 -13.94 -10.47
C PHE A 153 -20.66 -13.23 -9.69
N PRO A 154 -20.91 -12.38 -8.67
CA PRO A 154 -19.86 -11.52 -8.12
C PRO A 154 -19.10 -12.18 -6.96
N GLU A 155 -17.76 -12.27 -7.08
CA GLU A 155 -16.91 -12.88 -6.02
C GLU A 155 -16.55 -11.82 -4.98
N PRO A 156 -16.72 -12.06 -3.66
CA PRO A 156 -16.41 -13.33 -3.02
C PRO A 156 -17.61 -14.15 -2.53
N VAL A 157 -17.37 -15.45 -2.37
CA VAL A 157 -18.18 -16.32 -1.46
C VAL A 157 -17.20 -17.18 -0.65
N THR A 158 -17.06 -16.86 0.64
CA THR A 158 -16.25 -17.71 1.55
C THR A 158 -17.12 -18.87 2.04
N VAL A 159 -16.62 -20.10 1.88
CA VAL A 159 -17.37 -21.29 2.37
C VAL A 159 -16.47 -22.01 3.38
N SER A 160 -16.65 -21.66 4.66
CA SER A 160 -16.28 -22.59 5.79
CA SER A 160 -16.28 -22.59 5.79
C SER A 160 -17.34 -23.60 6.33
N TRP A 161 -16.64 -24.69 6.60
CA TRP A 161 -17.34 -25.83 7.27
C TRP A 161 -17.42 -25.57 8.78
N ASN A 162 -18.40 -26.18 9.44
CA ASN A 162 -18.56 -26.08 10.91
C ASN A 162 -18.49 -24.61 11.34
N SER A 163 -19.11 -23.72 10.56
CA SER A 163 -19.02 -22.25 10.79
C SER A 163 -17.65 -21.89 11.35
N GLY A 164 -16.58 -22.32 10.68
CA GLY A 164 -15.22 -21.85 11.01
C GLY A 164 -14.56 -22.72 12.04
N ALA A 165 -15.15 -23.89 12.34
CA ALA A 165 -14.49 -24.83 13.26
C ALA A 165 -13.57 -25.78 12.47
N LEU A 166 -14.15 -26.65 11.62
CA LEU A 166 -13.35 -27.62 10.84
C LEU A 166 -12.43 -26.88 9.87
N THR A 167 -11.18 -26.69 10.28
CA THR A 167 -10.19 -25.87 9.52
C THR A 167 -8.98 -26.73 9.15
N SER A 168 -9.18 -28.04 9.00
CA SER A 168 -8.08 -29.02 8.88
C SER A 168 -8.34 -29.97 7.72
N GLY A 169 -8.35 -29.45 6.49
CA GLY A 169 -8.71 -30.24 5.30
C GLY A 169 -9.86 -29.62 4.53
N VAL A 170 -10.13 -28.34 4.78
CA VAL A 170 -11.06 -27.54 3.94
C VAL A 170 -10.31 -27.07 2.69
N HIS A 171 -10.35 -27.86 1.62
CA HIS A 171 -9.72 -27.46 0.34
C HIS A 171 -10.72 -26.62 -0.45
N THR A 172 -10.33 -25.39 -0.81
CA THR A 172 -11.18 -24.45 -1.58
C THR A 172 -10.51 -24.19 -2.93
N PHE A 173 -11.29 -24.24 -4.03
CA PHE A 173 -10.69 -24.08 -5.39
C PHE A 173 -11.08 -22.71 -5.94
N PRO A 174 -10.17 -21.98 -6.61
CA PRO A 174 -10.47 -20.64 -7.12
C PRO A 174 -11.59 -20.69 -8.17
N ALA A 175 -12.49 -19.70 -8.15
CA ALA A 175 -13.64 -19.70 -9.09
C ALA A 175 -13.14 -19.58 -10.53
N VAL A 176 -13.76 -20.33 -11.45
CA VAL A 176 -13.36 -20.30 -12.88
C VAL A 176 -14.56 -19.88 -13.74
N LEU A 177 -14.35 -19.00 -14.73
CA LEU A 177 -15.48 -18.45 -15.53
C LEU A 177 -16.25 -19.56 -16.24
N GLN A 178 -17.58 -19.53 -16.18
CA GLN A 178 -18.42 -20.50 -16.94
C GLN A 178 -18.80 -19.84 -18.28
N SER A 179 -19.79 -20.39 -18.99
CA SER A 179 -20.24 -19.78 -20.27
C SER A 179 -20.76 -18.36 -20.01
N SER A 180 -21.49 -18.16 -18.91
CA SER A 180 -21.98 -16.79 -18.54
C SER A 180 -20.90 -16.09 -17.72
N GLY A 181 -21.08 -14.79 -17.44
CA GLY A 181 -20.12 -14.08 -16.61
C GLY A 181 -20.02 -14.66 -15.22
N LEU A 182 -20.98 -15.49 -14.84
CA LEU A 182 -20.94 -16.15 -13.54
C LEU A 182 -19.78 -17.13 -13.48
N TYR A 183 -19.22 -17.32 -12.28
CA TYR A 183 -18.15 -18.35 -12.12
C TYR A 183 -18.52 -19.24 -10.92
N SER A 184 -17.89 -20.41 -10.81
CA SER A 184 -18.25 -21.36 -9.71
C SER A 184 -16.98 -21.88 -9.03
N LEU A 185 -17.05 -22.11 -7.71
CA LEU A 185 -15.89 -22.69 -6.98
C LEU A 185 -16.36 -23.86 -6.12
N SER A 186 -15.48 -24.83 -5.87
CA SER A 186 -15.84 -26.00 -5.01
CA SER A 186 -15.84 -26.00 -5.01
C SER A 186 -15.13 -26.24 -3.64
N SER A 187 -15.98 -26.49 -2.64
CA SER A 187 -15.40 -26.70 -1.29
C SER A 187 -15.52 -28.17 -0.89
N VAL A 188 -14.42 -28.75 -0.39
CA VAL A 188 -14.43 -30.18 0.04
C VAL A 188 -13.75 -30.29 1.41
N VAL A 189 -14.11 -31.31 2.19
CA VAL A 189 -13.47 -31.55 3.52
C VAL A 189 -13.27 -33.05 3.68
N THR A 190 -12.28 -33.46 4.48
CA THR A 190 -12.05 -34.92 4.74
C THR A 190 -12.44 -35.26 6.17
N VAL A 191 -13.26 -36.29 6.36
CA VAL A 191 -13.66 -36.73 7.73
C VAL A 191 -13.10 -38.13 7.98
N PRO A 192 -12.45 -38.46 9.13
CA PRO A 192 -12.33 -39.85 9.54
C PRO A 192 -13.61 -40.43 10.17
N SER A 193 -14.58 -39.55 10.50
CA SER A 193 -15.84 -39.95 11.17
C SER A 193 -16.79 -40.62 10.17
N SER A 194 -16.50 -41.88 9.80
CA SER A 194 -17.00 -42.51 8.56
C SER A 194 -18.52 -42.66 8.60
N SER A 195 -18.99 -43.77 9.16
CA SER A 195 -20.44 -44.10 9.19
C SER A 195 -21.26 -42.85 9.50
N LEU A 196 -22.26 -42.55 8.67
CA LEU A 196 -23.19 -41.41 8.88
C LEU A 196 -22.57 -40.05 8.50
N GLY A 197 -21.23 -39.95 8.29
CA GLY A 197 -20.56 -38.70 7.86
C GLY A 197 -21.42 -37.52 8.22
N THR A 198 -21.44 -37.15 9.50
CA THR A 198 -22.47 -36.19 9.96
C THR A 198 -22.06 -34.75 10.24
N GLN A 199 -21.39 -34.51 11.36
CA GLN A 199 -21.12 -33.12 11.79
C GLN A 199 -20.37 -32.31 10.73
N THR A 200 -21.09 -31.73 9.78
CA THR A 200 -20.54 -30.88 8.68
C THR A 200 -21.83 -30.28 8.15
N TYR A 201 -22.86 -30.29 9.00
CA TYR A 201 -24.20 -29.77 8.64
C TYR A 201 -24.20 -28.25 8.58
N ILE A 202 -23.03 -27.63 8.73
CA ILE A 202 -22.95 -26.16 8.58
C ILE A 202 -22.74 -25.84 7.10
N CYS A 203 -21.59 -26.17 6.50
CA CYS A 203 -21.35 -25.76 5.08
C CYS A 203 -21.84 -24.31 4.94
N ASN A 204 -21.56 -23.50 5.97
CA ASN A 204 -21.98 -22.07 5.93
C ASN A 204 -21.32 -21.38 4.73
N VAL A 205 -22.08 -20.59 3.97
CA VAL A 205 -21.49 -19.81 2.85
C VAL A 205 -21.89 -18.35 3.05
N ASN A 206 -20.97 -17.40 2.86
CA ASN A 206 -21.35 -15.97 2.96
C ASN A 206 -21.11 -15.28 1.62
N HIS A 207 -22.14 -14.63 1.07
CA HIS A 207 -21.95 -13.86 -0.19
C HIS A 207 -21.96 -12.38 0.17
N LYS A 208 -20.84 -11.68 -0.06
CA LYS A 208 -20.75 -10.26 0.35
C LYS A 208 -21.75 -9.38 -0.40
N PRO A 209 -21.92 -9.44 -1.76
CA PRO A 209 -22.96 -8.64 -2.43
C PRO A 209 -24.40 -9.08 -2.13
N SER A 210 -24.76 -10.31 -2.47
CA SER A 210 -26.14 -10.83 -2.28
C SER A 210 -26.53 -10.84 -0.80
N ASN A 211 -25.58 -11.12 0.10
CA ASN A 211 -25.90 -11.25 1.55
C ASN A 211 -26.83 -12.44 1.76
N THR A 212 -26.63 -13.53 1.01
CA THR A 212 -27.44 -14.75 1.18
C THR A 212 -26.57 -15.83 1.82
N LYS A 213 -27.04 -16.43 2.93
CA LYS A 213 -26.26 -17.47 3.63
C LYS A 213 -27.02 -18.80 3.56
N VAL A 214 -26.37 -19.86 3.08
CA VAL A 214 -27.04 -21.19 2.92
C VAL A 214 -26.27 -22.23 3.75
N ASP A 215 -26.97 -23.00 4.59
CA ASP A 215 -26.32 -24.09 5.38
C ASP A 215 -27.01 -25.41 5.04
N LYS A 216 -26.23 -26.47 4.78
CA LYS A 216 -26.83 -27.76 4.37
C LYS A 216 -26.18 -28.92 5.15
N ARG A 217 -26.87 -30.07 5.23
CA ARG A 217 -26.32 -31.25 5.96
C ARG A 217 -25.83 -32.30 4.95
N VAL A 218 -24.72 -32.96 5.26
CA VAL A 218 -24.15 -34.00 4.35
C VAL A 218 -24.72 -35.37 4.75
N GLU A 219 -25.11 -36.20 3.76
CA GLU A 219 -25.62 -37.56 4.07
C GLU A 219 -24.85 -38.61 3.24
N PRO A 220 -24.23 -39.69 3.82
CA PRO A 220 -23.57 -40.70 2.99
C PRO A 220 -24.56 -41.48 2.14
N LYS A 221 -24.45 -41.31 0.83
CA LYS A 221 -25.26 -42.09 -0.11
C LYS A 221 -24.39 -43.09 -0.86
N VAL B 1 34.80 50.14 9.43
CA VAL B 1 33.71 49.58 10.30
C VAL B 1 32.39 49.63 9.53
N GLU B 2 32.42 49.29 8.24
CA GLU B 2 31.16 49.23 7.44
C GLU B 2 30.41 47.95 7.80
N CYS B 3 29.08 47.96 7.68
CA CYS B 3 28.27 46.74 7.97
C CYS B 3 28.61 45.65 6.95
N ASP B 4 28.60 44.39 7.38
CA ASP B 4 29.07 43.31 6.46
C ASP B 4 27.94 42.58 5.73
N PHE B 5 27.41 43.16 4.66
CA PHE B 5 26.48 42.41 3.83
C PHE B 5 27.21 41.45 2.90
N SER B 6 28.53 41.39 3.00
CA SER B 6 29.31 40.52 2.11
C SER B 6 28.92 39.05 2.18
N PRO B 7 28.70 38.44 3.35
CA PRO B 7 28.32 37.01 3.34
C PRO B 7 26.97 36.76 2.70
N LEU B 8 26.20 37.80 2.42
CA LEU B 8 24.89 37.62 1.82
C LEU B 8 25.00 37.24 0.36
N LEU B 9 26.16 37.50 -0.25
CA LEU B 9 26.29 37.40 -1.70
C LEU B 9 27.04 36.14 -2.15
N SER B 10 26.81 35.01 -1.48
CA SER B 10 27.50 33.77 -1.84
C SER B 10 26.66 32.56 -1.46
N GLY B 11 27.00 31.42 -2.05
CA GLY B 11 26.42 30.14 -1.67
C GLY B 11 24.99 29.96 -2.13
N THR B 12 24.35 28.96 -1.53
CA THR B 12 22.92 28.74 -1.73
C THR B 12 22.19 29.33 -0.55
N PRO B 13 21.45 30.42 -0.69
CA PRO B 13 20.70 30.96 0.44
C PRO B 13 19.70 29.96 0.97
N PRO B 14 19.52 29.88 2.28
CA PRO B 14 18.73 28.80 2.86
C PRO B 14 17.24 29.05 2.72
N GLN B 15 16.47 27.97 2.81
CA GLN B 15 15.02 28.04 2.67
C GLN B 15 14.42 28.84 3.82
N VAL B 16 13.11 29.06 3.74
CA VAL B 16 12.47 30.04 4.61
C VAL B 16 12.55 29.60 6.08
N TYR B 17 12.25 28.33 6.37
CA TYR B 17 12.22 27.89 7.76
C TYR B 17 13.62 27.85 8.38
N ASN B 18 14.66 27.84 7.55
CA ASN B 18 16.04 27.80 8.02
C ASN B 18 16.78 29.09 7.75
N PHE B 19 16.10 30.22 7.82
CA PHE B 19 16.67 31.52 7.52
C PHE B 19 17.91 31.80 8.37
N LYS B 20 18.97 32.23 7.73
CA LYS B 20 20.15 32.65 8.48
C LYS B 20 19.97 34.06 9.00
N ARG B 21 20.82 34.45 9.94
CA ARG B 21 20.70 35.73 10.61
C ARG B 21 22.03 36.47 10.58
N LEU B 22 21.97 37.79 10.53
CA LEU B 22 23.14 38.67 10.62
C LEU B 22 22.76 39.78 11.59
N VAL B 23 23.41 39.85 12.73
CA VAL B 23 23.14 40.90 13.71
C VAL B 23 24.28 41.90 13.67
N PHE B 24 23.94 43.17 13.51
CA PHE B 24 24.93 44.25 13.43
C PHE B 24 24.67 45.16 14.63
N THR B 25 25.61 45.19 15.55
CA THR B 25 25.43 45.99 16.75
C THR B 25 26.35 47.21 16.80
N ASN B 26 27.33 47.29 15.90
CA ASN B 26 28.21 48.45 15.79
C ASN B 26 28.80 48.48 14.38
N CYS B 27 28.25 49.34 13.53
CA CYS B 27 28.77 49.55 12.18
C CYS B 27 28.00 50.70 11.54
N ASN B 28 28.43 51.07 10.34
CA ASN B 28 27.76 52.09 9.54
C ASN B 28 27.24 51.42 8.26
N TYR B 29 25.96 51.61 7.98
CA TYR B 29 25.30 50.86 6.91
C TYR B 29 24.81 51.79 5.82
N ASN B 30 25.05 51.38 4.57
CA ASN B 30 24.45 52.03 3.39
C ASN B 30 23.60 50.95 2.72
N LEU B 31 22.30 50.95 3.02
CA LEU B 31 21.43 49.89 2.52
C LEU B 31 21.25 49.95 1.01
N THR B 32 21.07 51.16 0.45
CA THR B 32 20.88 51.26 -0.99
C THR B 32 22.10 50.75 -1.74
N LYS B 33 23.27 50.76 -1.08
CA LYS B 33 24.43 50.12 -1.68
C LYS B 33 24.26 48.61 -1.75
N LEU B 34 23.26 48.08 -1.04
CA LEU B 34 22.89 46.68 -1.23
C LEU B 34 21.74 46.55 -2.21
N LEU B 35 20.65 47.28 -1.98
CA LEU B 35 19.45 47.10 -2.79
C LEU B 35 19.71 47.47 -4.25
N SER B 36 20.75 48.26 -4.51
CA SER B 36 21.15 48.49 -5.90
C SER B 36 21.58 47.20 -6.56
N LEU B 37 22.15 46.27 -5.78
CA LEU B 37 22.63 45.00 -6.32
C LEU B 37 21.52 44.01 -6.59
N PHE B 38 20.30 44.28 -6.14
CA PHE B 38 19.16 43.43 -6.44
C PHE B 38 18.15 44.25 -7.23
N SER B 39 17.08 43.60 -7.66
CA SER B 39 15.96 44.30 -8.27
C SER B 39 14.80 44.20 -7.29
N VAL B 40 14.69 45.18 -6.39
CA VAL B 40 13.70 45.19 -5.32
C VAL B 40 12.30 45.06 -5.93
N ASN B 41 11.43 44.29 -5.27
CA ASN B 41 10.11 44.03 -5.85
C ASN B 41 9.01 44.46 -4.90
N ASP B 42 9.15 44.18 -3.60
CA ASP B 42 8.10 44.54 -2.65
C ASP B 42 8.74 45.00 -1.34
N PHE B 43 8.75 46.30 -1.10
CA PHE B 43 9.33 46.88 0.10
C PHE B 43 8.20 47.30 1.04
N THR B 44 7.83 46.43 1.98
CA THR B 44 6.71 46.71 2.88
C THR B 44 7.21 46.73 4.32
N CYS B 45 6.90 47.80 5.03
CA CYS B 45 7.44 47.97 6.37
C CYS B 45 6.34 48.35 7.34
N SER B 46 6.46 47.87 8.57
CA SER B 46 5.50 48.13 9.63
C SER B 46 6.22 48.68 10.84
N GLN B 47 5.63 49.69 11.46
CA GLN B 47 6.08 50.44 12.61
C GLN B 47 7.24 51.37 12.26
N ILE B 48 7.58 51.51 10.98
CA ILE B 48 8.46 52.57 10.52
C ILE B 48 8.33 52.65 9.01
N SER B 49 8.42 53.86 8.47
CA SER B 49 8.14 54.08 7.06
C SER B 49 9.19 53.40 6.18
N PRO B 50 8.81 52.95 4.99
CA PRO B 50 9.79 52.31 4.09
C PRO B 50 10.97 53.18 3.72
N ALA B 51 10.80 54.50 3.67
CA ALA B 51 11.92 55.38 3.42
C ALA B 51 12.71 55.66 4.70
N ALA B 52 12.06 55.50 5.86
CA ALA B 52 12.69 55.86 7.12
C ALA B 52 13.72 54.83 7.54
N ILE B 53 13.65 53.62 6.97
CA ILE B 53 14.60 52.57 7.33
C ILE B 53 15.94 52.79 6.64
N ALA B 54 16.05 53.85 5.85
CA ALA B 54 17.27 54.11 5.10
C ALA B 54 18.26 54.99 5.85
N SER B 55 17.80 55.88 6.73
CA SER B 55 18.67 56.82 7.41
C SER B 55 18.09 57.15 8.79
N ASN B 56 18.54 56.41 9.79
CA ASN B 56 18.33 56.70 11.21
C ASN B 56 19.12 55.70 12.02
N CYS B 57 19.53 56.10 13.22
CA CYS B 57 20.47 55.34 14.02
C CYS B 57 19.72 54.41 14.98
N TYR B 58 20.18 53.17 15.11
CA TYR B 58 19.52 52.20 15.98
C TYR B 58 20.51 51.63 17.01
N SER B 59 20.05 50.63 17.75
CA SER B 59 20.86 49.93 18.73
C SER B 59 21.38 48.60 18.18
N SER B 60 20.58 47.92 17.35
CA SER B 60 20.99 46.68 16.70
C SER B 60 20.12 46.48 15.47
N LEU B 61 20.76 46.20 14.34
CA LEU B 61 20.04 45.90 13.10
C LEU B 61 20.19 44.42 12.81
N ILE B 62 19.06 43.71 12.71
CA ILE B 62 19.05 42.27 12.47
C ILE B 62 18.50 42.04 11.08
N LEU B 63 19.22 41.27 10.27
CA LEU B 63 18.81 40.97 8.91
C LEU B 63 18.71 39.46 8.73
N ASP B 64 17.58 39.00 8.22
CA ASP B 64 17.36 37.59 7.91
C ASP B 64 17.13 37.46 6.41
N TYR B 65 17.73 36.44 5.79
CA TYR B 65 17.61 36.28 4.35
C TYR B 65 17.27 34.85 3.97
N PHE B 66 16.46 34.69 2.93
CA PHE B 66 16.12 33.35 2.48
C PHE B 66 15.56 33.40 1.06
N SER B 67 15.19 32.22 0.55
CA SER B 67 14.60 32.09 -0.78
C SER B 67 13.08 31.99 -0.65
N TYR B 68 12.36 32.89 -1.28
CA TYR B 68 10.90 32.94 -1.17
C TYR B 68 10.31 33.47 -2.47
N PRO B 69 9.56 32.65 -3.22
CA PRO B 69 9.07 33.10 -4.53
C PRO B 69 8.00 34.18 -4.39
N LEU B 70 7.86 34.97 -5.45
CA LEU B 70 6.82 36.00 -5.48
C LEU B 70 5.44 35.41 -5.61
N SER B 71 5.31 34.12 -5.92
CA SER B 71 4.00 33.53 -6.12
C SER B 71 3.15 33.59 -4.87
N MET B 72 3.77 33.57 -3.69
CA MET B 72 3.05 33.59 -2.43
C MET B 72 3.57 34.69 -1.52
N LYS B 73 3.69 35.91 -2.05
CA LYS B 73 4.05 37.04 -1.20
C LYS B 73 2.94 37.36 -0.21
N SER B 74 1.75 36.81 -0.43
CA SER B 74 0.62 37.11 0.45
C SER B 74 0.78 36.47 1.83
N ASP B 75 1.40 35.29 1.88
CA ASP B 75 1.52 34.56 3.14
C ASP B 75 2.46 35.25 4.11
N LEU B 76 3.43 36.00 3.61
CA LEU B 76 4.48 36.51 4.47
C LEU B 76 4.15 37.92 4.96
N SER B 77 3.43 37.97 6.08
CA SER B 77 3.12 39.21 6.80
C SER B 77 2.34 38.88 8.06
N VAL B 78 2.15 39.86 8.95
CA VAL B 78 1.36 39.61 10.14
C VAL B 78 -0.10 39.36 9.81
N SER B 79 -0.50 39.59 8.55
CA SER B 79 -1.89 39.40 8.17
C SER B 79 -2.25 37.92 8.06
N SER B 80 -1.36 37.12 7.49
CA SER B 80 -1.70 35.75 7.13
C SER B 80 -1.86 34.85 8.35
N ALA B 81 -2.65 33.80 8.18
CA ALA B 81 -2.75 32.70 9.12
C ALA B 81 -2.30 31.38 8.50
N GLY B 82 -1.60 31.44 7.37
CA GLY B 82 -1.15 30.25 6.70
C GLY B 82 0.02 29.60 7.41
N PRO B 83 0.82 28.82 6.68
CA PRO B 83 1.96 28.16 7.28
C PRO B 83 3.27 28.93 7.21
N ILE B 84 3.38 29.95 6.36
CA ILE B 84 4.63 30.68 6.28
C ILE B 84 4.86 31.52 7.54
N SER B 85 3.82 32.19 8.02
CA SER B 85 3.94 33.08 9.18
C SER B 85 3.63 32.40 10.49
N GLN B 86 3.36 31.09 10.47
CA GLN B 86 2.92 30.40 11.68
C GLN B 86 3.77 29.21 12.05
N PHE B 87 4.31 28.46 11.08
CA PHE B 87 5.22 27.38 11.38
C PHE B 87 6.61 27.57 10.81
N ASN B 88 6.90 28.66 10.10
CA ASN B 88 8.15 28.82 9.39
C ASN B 88 8.98 30.00 9.88
N TYR B 89 8.39 31.19 9.91
CA TYR B 89 9.15 32.41 10.20
C TYR B 89 8.20 33.47 10.70
N LYS B 90 8.35 33.87 11.95
CA LYS B 90 7.53 34.93 12.55
C LYS B 90 8.46 35.96 13.16
N GLN B 91 8.28 37.22 12.76
CA GLN B 91 9.11 38.31 13.21
C GLN B 91 8.37 39.16 14.24
N SER B 92 9.11 39.68 15.20
CA SER B 92 8.55 40.25 16.42
C SER B 92 7.66 41.43 16.06
N PHE B 93 6.44 41.45 16.61
CA PHE B 93 5.53 42.56 16.38
C PHE B 93 5.83 43.72 17.32
N SER B 94 6.65 43.48 18.35
CA SER B 94 6.87 44.50 19.37
C SER B 94 7.61 45.71 18.81
N ASN B 95 8.75 45.48 18.16
CA ASN B 95 9.72 46.45 17.66
C ASN B 95 9.51 46.71 16.17
N PRO B 96 10.08 47.77 15.60
CA PRO B 96 9.88 48.05 14.17
C PRO B 96 10.29 46.86 13.31
N THR B 97 9.83 46.85 12.06
CA THR B 97 10.16 45.73 11.18
C THR B 97 9.89 46.07 9.72
N CYS B 98 10.94 45.95 8.89
CA CYS B 98 10.79 46.07 7.44
C CYS B 98 10.92 44.68 6.81
N LEU B 99 10.27 44.50 5.67
CA LEU B 99 10.28 43.23 4.95
C LEU B 99 10.43 43.54 3.47
N ILE B 100 11.52 43.06 2.87
CA ILE B 100 11.79 43.25 1.46
C ILE B 100 11.61 41.93 0.76
N LEU B 101 10.98 41.96 -0.41
CA LEU B 101 10.91 40.80 -1.29
C LEU B 101 11.58 41.18 -2.60
N ALA B 102 12.79 40.66 -2.78
CA ALA B 102 13.66 41.09 -3.86
C ALA B 102 13.84 39.99 -4.91
N THR B 103 14.72 40.26 -5.86
CA THR B 103 14.99 39.36 -6.98
C THR B 103 16.45 39.49 -7.39
N VAL B 104 17.05 38.39 -7.79
CA VAL B 104 18.45 38.39 -8.25
C VAL B 104 18.50 38.74 -9.73
N PRO B 105 19.48 39.53 -10.17
CA PRO B 105 19.60 39.81 -11.61
C PRO B 105 20.58 38.84 -12.26
N HIS B 106 20.57 38.82 -13.60
CA HIS B 106 21.53 38.00 -14.32
C HIS B 106 22.96 38.44 -14.05
N ASN B 107 23.21 39.74 -14.06
CA ASN B 107 24.58 40.22 -14.02
C ASN B 107 25.21 40.00 -12.65
N LEU B 108 24.41 39.58 -11.66
CA LEU B 108 24.97 39.20 -10.38
C LEU B 108 25.47 37.76 -10.40
N THR B 109 26.59 37.52 -9.74
CA THR B 109 27.25 36.22 -9.77
C THR B 109 27.48 35.70 -8.35
N THR B 110 27.60 34.38 -8.25
CA THR B 110 27.75 33.66 -7.00
C THR B 110 26.58 33.87 -6.05
N ILE B 111 25.36 33.96 -6.58
CA ILE B 111 24.16 33.68 -5.81
C ILE B 111 23.55 32.44 -6.44
N THR B 112 23.95 31.28 -5.94
CA THR B 112 23.55 30.04 -6.57
C THR B 112 22.11 29.70 -6.22
N LYS B 113 21.53 28.80 -7.00
CA LYS B 113 20.11 28.53 -7.02
C LYS B 113 19.78 27.25 -6.27
N PRO B 114 19.03 27.32 -5.18
CA PRO B 114 18.44 26.10 -4.63
C PRO B 114 17.42 25.55 -5.61
N LEU B 115 17.23 24.23 -5.58
CA LEU B 115 16.43 23.59 -6.61
C LEU B 115 14.97 24.00 -6.53
N LYS B 116 14.47 24.27 -5.33
CA LYS B 116 13.07 24.60 -5.16
C LYS B 116 12.87 25.28 -3.82
N TYR B 117 11.80 26.05 -3.71
CA TYR B 117 11.44 26.71 -2.46
C TYR B 117 10.48 25.80 -1.70
N SER B 118 10.87 25.39 -0.50
CA SER B 118 10.05 24.53 0.33
C SER B 118 9.78 25.19 1.67
N TYR B 119 8.67 24.80 2.30
CA TYR B 119 8.31 25.36 3.59
C TYR B 119 7.57 24.32 4.42
N ILE B 120 7.62 24.50 5.73
CA ILE B 120 6.96 23.60 6.68
C ILE B 120 5.47 23.89 6.64
N ASN B 121 4.70 22.95 6.08
CA ASN B 121 3.25 23.16 6.02
C ASN B 121 2.61 23.02 7.38
N LYS B 122 2.91 21.94 8.10
CA LYS B 122 2.28 21.68 9.38
C LYS B 122 3.29 21.15 10.39
N CYS B 123 3.13 21.58 11.63
CA CYS B 123 4.00 21.22 12.75
C CYS B 123 3.13 21.00 13.97
N SER B 124 2.93 19.75 14.35
CA SER B 124 2.09 19.44 15.49
C SER B 124 2.85 18.53 16.44
N ARG B 125 2.25 18.30 17.61
CA ARG B 125 2.77 17.36 18.58
C ARG B 125 1.61 16.45 19.01
N LEU B 126 1.81 15.15 18.88
CA LEU B 126 0.78 14.17 19.22
C LEU B 126 1.08 13.60 20.60
N LEU B 127 0.25 13.92 21.58
CA LEU B 127 0.61 13.73 22.97
C LEU B 127 0.89 12.27 23.30
N SER B 128 1.67 12.06 24.36
CA SER B 128 1.94 10.73 24.89
C SER B 128 0.70 10.07 25.43
N ASP B 129 -0.36 10.82 25.64
CA ASP B 129 -1.68 10.28 25.95
C ASP B 129 -2.32 9.84 24.64
N ASP B 130 -3.62 9.61 24.68
CA ASP B 130 -4.29 8.75 23.70
C ASP B 130 -4.08 9.31 22.30
N ARG B 131 -4.71 10.41 21.92
CA ARG B 131 -4.65 10.92 20.56
C ARG B 131 -4.68 12.45 20.53
N THR B 132 -4.41 13.08 21.67
CA THR B 132 -4.55 14.52 21.75
C THR B 132 -3.43 15.19 20.95
N GLU B 133 -3.78 16.24 20.21
CA GLU B 133 -2.86 16.91 19.29
C GLU B 133 -2.77 18.38 19.68
N VAL B 134 -1.56 18.91 19.67
CA VAL B 134 -1.31 20.32 19.99
C VAL B 134 -0.44 20.90 18.89
N PRO B 135 -0.92 21.86 18.10
CA PRO B 135 -0.05 22.49 17.09
C PRO B 135 1.10 23.23 17.76
N GLN B 136 2.19 23.39 17.02
CA GLN B 136 3.36 24.12 17.47
C GLN B 136 3.41 25.43 16.70
N LEU B 137 3.22 26.54 17.41
CA LEU B 137 3.23 27.87 16.83
C LEU B 137 4.55 28.54 17.15
N VAL B 138 5.23 29.01 16.11
CA VAL B 138 6.56 29.59 16.28
C VAL B 138 6.46 30.98 16.87
N ASN B 139 7.17 31.20 17.97
CA ASN B 139 7.31 32.51 18.60
C ASN B 139 8.39 33.33 17.88
N ALA B 140 8.92 34.33 18.57
CA ALA B 140 9.80 35.27 17.90
C ALA B 140 11.08 34.59 17.42
N ASN B 141 11.02 34.15 16.17
CA ASN B 141 12.05 33.64 15.27
C ASN B 141 12.51 32.21 15.50
N GLN B 142 12.64 31.77 16.75
CA GLN B 142 12.47 30.41 17.27
C GLN B 142 12.87 29.22 16.38
N TYR B 143 13.28 29.46 15.14
CA TYR B 143 13.63 28.41 14.17
C TYR B 143 12.59 27.29 14.01
N SER B 144 11.36 27.45 14.51
CA SER B 144 10.31 26.47 14.22
C SER B 144 10.66 25.06 14.70
N PRO B 145 10.48 24.76 15.99
CA PRO B 145 11.10 23.54 16.58
C PRO B 145 10.98 22.27 15.76
N CYS B 146 10.08 22.19 14.78
CA CYS B 146 10.03 21.04 13.89
C CYS B 146 11.23 20.98 12.94
N VAL B 147 12.23 21.86 13.10
CA VAL B 147 13.25 22.03 12.06
C VAL B 147 14.22 20.87 12.04
N SER B 148 14.39 20.18 13.17
CA SER B 148 15.33 19.07 13.21
C SER B 148 14.88 17.91 12.32
N THR B 149 13.58 17.64 12.30
CA THR B 149 13.06 16.58 11.43
C THR B 149 13.19 16.95 9.95
N VAL B 150 12.78 18.14 9.58
CA VAL B 150 12.70 18.53 8.17
C VAL B 150 14.11 18.80 7.65
N PRO B 151 14.50 18.28 6.49
CA PRO B 151 15.82 18.56 5.95
C PRO B 151 15.92 19.98 5.42
N SER B 152 17.06 20.35 4.85
CA SER B 152 17.25 21.72 4.39
C SER B 152 16.26 22.06 3.28
N THR B 153 16.05 21.14 2.34
CA THR B 153 15.04 21.30 1.31
C THR B 153 14.13 20.09 1.28
N VAL B 154 12.84 20.33 1.09
CA VAL B 154 11.87 19.24 1.02
C VAL B 154 11.93 18.62 -0.36
N TRP B 155 11.79 17.29 -0.44
CA TRP B 155 12.04 16.59 -1.68
C TRP B 155 10.84 16.67 -2.63
N GLU B 156 9.69 16.19 -2.20
CA GLU B 156 8.54 16.08 -3.08
C GLU B 156 7.46 17.10 -2.71
N ASP B 157 6.33 16.99 -3.42
CA ASP B 157 5.27 17.97 -3.27
C ASP B 157 4.79 18.03 -1.83
N GLY B 158 4.44 16.88 -1.26
CA GLY B 158 4.05 16.82 0.13
C GLY B 158 4.72 15.69 0.86
N ASP B 159 5.50 16.00 1.89
CA ASP B 159 6.22 14.96 2.61
C ASP B 159 5.77 14.92 4.07
N TYR B 160 6.35 13.96 4.80
CA TYR B 160 5.87 13.61 6.14
C TYR B 160 7.08 13.20 6.95
N TYR B 161 7.50 14.05 7.89
CA TYR B 161 8.66 13.76 8.74
C TYR B 161 8.19 13.68 10.18
N ARG B 162 8.53 12.58 10.86
CA ARG B 162 8.16 12.43 12.26
C ARG B 162 9.32 11.84 13.06
N LYS B 163 9.39 12.21 14.32
CA LYS B 163 10.36 11.68 15.25
C LYS B 163 9.66 11.40 16.57
N GLN B 164 10.23 10.52 17.37
CA GLN B 164 9.72 10.24 18.70
C GLN B 164 10.64 10.88 19.72
N LEU B 165 10.11 11.85 20.46
CA LEU B 165 10.86 12.38 21.59
C LEU B 165 11.16 11.26 22.57
N SER B 166 12.37 11.29 23.14
CA SER B 166 12.71 10.29 24.15
C SER B 166 11.68 10.34 25.27
N PRO B 167 11.29 9.20 25.83
CA PRO B 167 10.21 9.21 26.81
C PRO B 167 10.53 10.11 27.99
N LEU B 168 9.69 11.12 28.20
CA LEU B 168 9.82 12.00 29.33
C LEU B 168 11.18 12.72 29.32
N GLU B 169 11.31 13.69 28.40
CA GLU B 169 10.17 14.32 27.73
C GLU B 169 10.18 14.12 26.23
N GLY B 170 9.01 13.86 25.65
CA GLY B 170 7.77 13.75 26.40
C GLY B 170 6.83 12.70 25.83
N GLY B 171 7.38 11.79 25.04
CA GLY B 171 6.58 10.74 24.44
C GLY B 171 5.71 11.20 23.29
N GLY B 172 5.88 12.43 22.85
CA GLY B 172 5.02 12.97 21.82
C GLY B 172 5.71 13.14 20.48
N TRP B 173 5.16 12.50 19.45
CA TRP B 173 5.77 12.54 18.12
C TRP B 173 5.75 13.96 17.57
N LEU B 174 6.90 14.62 17.53
CA LEU B 174 6.96 15.98 17.00
C LEU B 174 6.82 15.91 15.48
N VAL B 175 5.59 15.62 15.05
CA VAL B 175 5.31 15.39 13.65
C VAL B 175 5.36 16.71 12.88
N ALA B 176 5.81 16.65 11.62
CA ALA B 176 5.94 17.81 10.76
C ALA B 176 5.73 17.40 9.32
N SER B 177 5.36 18.37 8.49
CA SER B 177 5.16 18.14 7.06
C SER B 177 5.77 19.27 6.26
N GLY B 178 6.11 18.97 5.02
CA GLY B 178 6.73 19.96 4.15
C GLY B 178 6.15 19.99 2.76
N SER B 179 6.09 21.17 2.16
CA SER B 179 5.50 21.36 0.84
C SER B 179 6.36 22.33 0.03
N THR B 180 6.50 22.06 -1.26
CA THR B 180 7.39 22.83 -2.13
C THR B 180 6.59 23.58 -3.18
N VAL B 181 7.29 24.47 -3.88
CA VAL B 181 6.73 25.27 -4.95
C VAL B 181 7.73 25.31 -6.10
N ALA B 182 7.21 25.47 -7.31
CA ALA B 182 8.02 25.29 -8.51
C ALA B 182 9.13 26.32 -8.58
N MET B 183 10.22 25.95 -9.25
CA MET B 183 11.35 26.84 -9.44
C MET B 183 11.00 27.98 -10.40
N THR B 184 11.58 29.15 -10.13
CA THR B 184 11.45 30.32 -10.97
C THR B 184 12.80 30.64 -11.59
N GLU B 185 12.76 31.20 -12.81
CA GLU B 185 13.98 31.37 -13.59
C GLU B 185 15.04 32.17 -12.84
N GLN B 186 14.61 33.16 -12.07
CA GLN B 186 15.52 33.96 -11.27
C GLN B 186 15.25 33.73 -9.78
N LEU B 187 16.33 33.57 -9.02
CA LEU B 187 16.19 33.35 -7.58
C LEU B 187 15.50 34.53 -6.92
N GLN B 188 14.34 34.28 -6.33
CA GLN B 188 13.55 35.32 -5.70
C GLN B 188 13.67 35.19 -4.19
N MET B 189 14.24 36.20 -3.55
CA MET B 189 14.61 36.11 -2.15
C MET B 189 13.72 36.99 -1.30
N GLY B 190 13.73 36.71 0.00
CA GLY B 190 13.02 37.53 0.96
C GLY B 190 13.94 37.90 2.11
N PHE B 191 13.91 39.16 2.51
CA PHE B 191 14.78 39.71 3.53
C PHE B 191 13.90 40.31 4.60
N GLY B 192 14.31 40.21 5.85
CA GLY B 192 13.58 40.81 6.94
C GLY B 192 14.49 41.56 7.88
N ILE B 193 14.28 42.86 8.04
CA ILE B 193 15.07 43.69 8.94
C ILE B 193 14.24 43.96 10.18
N THR B 194 14.81 43.69 11.35
CA THR B 194 14.14 43.92 12.62
C THR B 194 15.00 44.85 13.47
N VAL B 195 14.86 46.15 13.23
CA VAL B 195 15.61 47.13 13.99
C VAL B 195 14.93 47.39 15.33
N GLN B 196 15.73 47.62 16.36
CA GLN B 196 15.20 48.06 17.64
C GLN B 196 16.09 49.16 18.18
N TYR B 197 15.47 50.20 18.74
CA TYR B 197 16.21 51.35 19.21
C TYR B 197 16.89 51.03 20.53
N GLY B 198 17.47 52.06 21.15
CA GLY B 198 18.18 51.87 22.40
C GLY B 198 17.67 52.76 23.51
N THR B 199 18.17 52.55 24.73
CA THR B 199 17.80 53.39 25.86
C THR B 199 18.24 54.83 25.61
N ASP B 200 19.55 55.03 25.46
CA ASP B 200 20.09 56.38 25.14
C ASP B 200 21.34 56.19 24.27
N THR B 201 21.39 55.11 23.49
CA THR B 201 22.58 54.82 22.65
C THR B 201 22.13 54.43 21.23
N ASN B 202 22.97 54.70 20.23
CA ASN B 202 22.63 54.34 18.82
C ASN B 202 23.91 54.03 18.05
N SER B 203 24.02 52.82 17.50
CA SER B 203 25.25 52.40 16.76
C SER B 203 24.96 52.37 15.25
N VAL B 204 24.30 51.32 14.78
CA VAL B 204 23.97 51.19 13.33
C VAL B 204 23.45 52.54 12.84
N CYS B 205 24.14 53.16 11.87
CA CYS B 205 23.75 54.52 11.40
C CYS B 205 23.93 54.65 9.89
N PRO B 206 23.04 55.37 9.18
CA PRO B 206 23.13 55.51 7.73
C PRO B 206 24.51 56.00 7.30
N LYS B 207 25.33 55.10 6.73
CA LYS B 207 26.67 55.50 6.25
C LYS B 207 26.53 56.51 5.11
N ALA B 208 26.48 57.80 5.44
CA ALA B 208 26.39 58.86 4.41
C ALA B 208 27.73 59.60 4.34
N GLU C 1 9.44 7.38 -11.13
CA GLU C 1 9.18 6.31 -12.08
C GLU C 1 10.45 5.52 -12.40
N ILE C 2 10.47 4.24 -12.00
CA ILE C 2 11.63 3.35 -12.30
C ILE C 2 11.10 1.95 -12.64
N VAL C 3 11.11 1.57 -13.92
CA VAL C 3 10.71 0.17 -14.29
C VAL C 3 11.79 -0.76 -13.74
N LEU C 4 11.44 -1.95 -13.25
CA LEU C 4 12.51 -2.78 -12.63
C LEU C 4 12.38 -4.27 -12.99
N THR C 5 13.52 -4.94 -13.20
CA THR C 5 13.53 -6.39 -13.50
C THR C 5 13.47 -7.18 -12.18
N GLN C 6 13.16 -8.47 -12.25
CA GLN C 6 13.09 -9.33 -11.04
C GLN C 6 13.99 -10.55 -11.26
N SER C 7 13.66 -11.68 -10.63
CA SER C 7 14.44 -12.94 -10.81
C SER C 7 13.89 -13.68 -12.05
N PRO C 8 14.28 -14.94 -12.35
CA PRO C 8 13.67 -15.67 -13.49
C PRO C 8 12.15 -15.80 -13.29
N GLY C 9 11.70 -16.00 -12.05
CA GLY C 9 10.26 -16.11 -11.77
C GLY C 9 9.94 -17.38 -11.01
N THR C 10 9.22 -18.32 -11.64
CA THR C 10 8.96 -19.62 -10.97
C THR C 10 10.31 -20.32 -10.74
N LEU C 11 10.55 -20.80 -9.52
CA LEU C 11 11.83 -21.47 -9.19
C LEU C 11 11.54 -22.83 -8.56
N SER C 12 12.21 -23.89 -9.01
CA SER C 12 12.04 -25.22 -8.37
C SER C 12 13.31 -25.54 -7.58
N LEU C 13 13.20 -25.61 -6.25
CA LEU C 13 14.38 -25.86 -5.38
C LEU C 13 13.98 -26.82 -4.26
N SER C 14 14.86 -27.77 -3.92
CA SER C 14 14.60 -28.72 -2.81
C SER C 14 14.71 -27.98 -1.46
N PRO C 15 14.06 -28.45 -0.38
CA PRO C 15 14.22 -27.82 0.93
C PRO C 15 15.68 -27.91 1.40
N GLY C 16 16.17 -26.87 2.07
CA GLY C 16 17.58 -26.85 2.51
C GLY C 16 18.51 -26.29 1.44
N GLU C 17 17.94 -25.76 0.34
CA GLU C 17 18.77 -25.16 -0.74
C GLU C 17 18.66 -23.63 -0.66
N ARG C 18 19.77 -22.92 -0.81
CA ARG C 18 19.74 -21.43 -0.80
C ARG C 18 19.04 -20.92 -2.07
N ALA C 19 18.28 -19.84 -1.95
CA ALA C 19 17.55 -19.26 -3.12
C ALA C 19 17.97 -17.81 -3.33
N THR C 20 18.27 -17.42 -4.57
CA THR C 20 18.69 -16.02 -4.85
C THR C 20 17.63 -15.32 -5.71
N LEU C 21 17.19 -14.13 -5.28
CA LEU C 21 16.19 -13.35 -6.07
C LEU C 21 16.84 -12.02 -6.48
N SER C 22 16.80 -11.67 -7.77
CA SER C 22 17.48 -10.44 -8.25
C SER C 22 16.49 -9.28 -8.38
N CYS C 23 16.97 -8.04 -8.38
CA CYS C 23 16.07 -6.87 -8.57
C CYS C 23 16.86 -5.72 -9.23
N ARG C 24 17.21 -5.88 -10.51
CA ARG C 24 17.93 -4.82 -11.26
C ARG C 24 17.00 -3.61 -11.44
N ALA C 25 17.55 -2.39 -11.35
CA ALA C 25 16.74 -1.17 -11.55
C ALA C 25 17.16 -0.49 -12.85
N SER C 26 16.20 -0.16 -13.72
CA SER C 26 16.52 0.52 -15.00
C SER C 26 17.14 1.88 -14.70
N GLN C 27 16.59 2.60 -13.71
CA GLN C 27 17.15 3.92 -13.32
C GLN C 27 17.88 3.76 -11.98
N SER C 28 18.94 4.53 -11.75
CA SER C 28 19.73 4.38 -10.51
C SER C 28 18.86 4.70 -9.29
N VAL C 29 18.99 3.90 -8.23
CA VAL C 29 18.23 4.17 -6.98
C VAL C 29 19.27 4.28 -5.84
N SER C 30 18.85 4.69 -4.64
CA SER C 30 19.81 4.85 -3.53
C SER C 30 20.37 3.48 -3.13
N SER C 31 21.58 3.45 -2.56
CA SER C 31 22.23 2.16 -2.23
C SER C 31 21.36 1.38 -1.25
N SER C 32 20.71 2.07 -0.32
CA SER C 32 19.79 1.39 0.63
C SER C 32 18.42 2.06 0.62
N TYR C 33 17.66 1.96 -0.48
CA TYR C 33 16.23 2.36 -0.46
C TYR C 33 15.38 1.42 -1.32
N LEU C 34 15.26 0.16 -0.89
CA LEU C 34 14.41 -0.86 -1.54
C LEU C 34 13.97 -1.87 -0.48
N ALA C 35 12.74 -2.37 -0.56
CA ALA C 35 12.19 -3.26 0.48
C ALA C 35 11.58 -4.51 -0.16
N TRP C 36 12.06 -5.67 0.24
CA TRP C 36 11.56 -6.97 -0.30
C TRP C 36 10.34 -7.42 0.52
N TYR C 37 9.23 -7.69 -0.15
CA TYR C 37 7.96 -8.14 0.50
C TYR C 37 7.65 -9.58 0.13
N GLN C 38 6.84 -10.27 0.94
CA GLN C 38 6.40 -11.65 0.61
C GLN C 38 4.89 -11.76 0.77
N GLN C 39 4.16 -12.23 -0.24
CA GLN C 39 2.70 -12.44 -0.06
C GLN C 39 2.40 -13.93 -0.20
N ARG C 40 1.71 -14.49 0.79
CA ARG C 40 1.41 -15.94 0.77
C ARG C 40 0.31 -16.20 -0.28
N PRO C 41 0.11 -17.45 -0.74
CA PRO C 41 -1.11 -17.81 -1.45
C PRO C 41 -2.34 -17.22 -0.74
N GLY C 42 -3.02 -16.28 -1.40
CA GLY C 42 -4.32 -15.77 -0.94
C GLY C 42 -4.25 -15.11 0.43
N GLN C 43 -3.78 -13.86 0.48
CA GLN C 43 -3.58 -13.11 1.74
C GLN C 43 -3.07 -11.70 1.41
N ALA C 44 -2.61 -10.97 2.43
CA ALA C 44 -2.03 -9.63 2.17
C ALA C 44 -0.52 -9.69 2.32
N PRO C 45 0.27 -8.99 1.48
CA PRO C 45 1.73 -9.09 1.54
C PRO C 45 2.29 -8.67 2.90
N ARG C 46 3.29 -9.39 3.40
CA ARG C 46 3.91 -9.06 4.71
C ARG C 46 5.35 -8.60 4.47
N LEU C 47 5.80 -7.55 5.18
CA LEU C 47 7.15 -7.00 4.95
C LEU C 47 8.21 -8.03 5.32
N LEU C 48 9.17 -8.30 4.43
CA LEU C 48 10.29 -9.23 4.77
C LEU C 48 11.56 -8.43 5.06
N ILE C 49 11.93 -7.51 4.17
CA ILE C 49 13.21 -6.74 4.32
C ILE C 49 12.92 -5.26 4.09
N TYR C 50 13.52 -4.36 4.88
CA TYR C 50 13.35 -2.90 4.62
C TYR C 50 14.73 -2.25 4.53
N GLY C 51 14.92 -1.38 3.52
CA GLY C 51 16.23 -0.70 3.32
C GLY C 51 17.20 -1.58 2.57
N ALA C 52 16.78 -2.80 2.19
CA ALA C 52 17.62 -3.74 1.40
C ALA C 52 18.69 -4.37 2.30
N SER C 53 18.70 -4.03 3.60
CA SER C 53 19.68 -4.60 4.55
C SER C 53 18.99 -5.10 5.82
N SER C 54 18.18 -4.24 6.46
CA SER C 54 17.57 -4.61 7.76
C SER C 54 16.38 -5.57 7.56
N ARG C 55 16.03 -6.32 8.62
CA ARG C 55 14.96 -7.35 8.56
C ARG C 55 13.74 -6.87 9.37
N ALA C 56 12.53 -7.28 8.96
CA ALA C 56 11.30 -6.83 9.63
C ALA C 56 11.18 -7.50 11.01
N THR C 57 10.64 -6.76 11.98
CA THR C 57 10.63 -7.20 13.40
C THR C 57 9.83 -8.49 13.53
N GLY C 58 10.54 -9.61 13.66
CA GLY C 58 9.87 -10.92 13.82
C GLY C 58 9.95 -11.74 12.54
N ILE C 59 10.98 -11.50 11.72
CA ILE C 59 11.18 -12.30 10.48
C ILE C 59 12.43 -13.17 10.67
N PRO C 60 12.29 -14.53 10.60
CA PRO C 60 13.43 -15.43 10.79
C PRO C 60 14.59 -15.07 9.87
N ASP C 61 15.81 -15.02 10.42
CA ASP C 61 16.99 -14.53 9.65
C ASP C 61 17.56 -15.69 8.83
N ARG C 62 16.71 -16.38 8.09
CA ARG C 62 17.12 -17.03 6.82
C ARG C 62 17.06 -16.00 5.69
N PHE C 63 16.09 -15.07 5.76
CA PHE C 63 15.82 -14.14 4.63
C PHE C 63 16.85 -13.00 4.68
N SER C 64 18.07 -13.26 4.20
CA SER C 64 19.13 -12.20 4.18
C SER C 64 18.84 -11.17 3.10
N GLY C 65 19.17 -9.90 3.35
CA GLY C 65 18.98 -8.83 2.35
C GLY C 65 20.28 -8.12 2.04
N SER C 66 20.58 -7.91 0.74
CA SER C 66 21.84 -7.25 0.33
C SER C 66 21.65 -6.54 -1.02
N GLY C 67 22.76 -6.12 -1.66
CA GLY C 67 22.70 -5.43 -2.96
C GLY C 67 22.68 -3.92 -2.80
N SER C 68 23.20 -3.18 -3.79
CA SER C 68 23.28 -1.70 -3.66
C SER C 68 23.27 -0.98 -5.01
N GLY C 69 22.75 0.25 -5.06
CA GLY C 69 22.79 1.09 -6.28
C GLY C 69 21.88 0.64 -7.41
N THR C 70 22.14 -0.54 -8.00
CA THR C 70 21.34 -0.98 -9.19
C THR C 70 20.74 -2.36 -8.94
N ASP C 71 21.57 -3.32 -8.53
CA ASP C 71 21.07 -4.72 -8.36
C ASP C 71 20.89 -5.00 -6.88
N PHE C 72 19.71 -5.52 -6.49
CA PHE C 72 19.44 -5.86 -5.07
C PHE C 72 19.09 -7.34 -4.99
N THR C 73 19.75 -8.09 -4.10
CA THR C 73 19.53 -9.55 -4.08
C THR C 73 18.94 -10.00 -2.74
N LEU C 74 17.87 -10.80 -2.78
CA LEU C 74 17.31 -11.38 -1.52
C LEU C 74 17.72 -12.85 -1.48
N THR C 75 18.47 -13.25 -0.46
CA THR C 75 18.97 -14.65 -0.41
C THR C 75 18.38 -15.36 0.81
N ILE C 76 17.67 -16.45 0.53
CA ILE C 76 17.00 -17.27 1.58
C ILE C 76 17.92 -18.44 1.86
N GLY C 77 18.67 -18.37 2.97
CA GLY C 77 19.75 -19.34 3.27
C GLY C 77 19.24 -20.77 3.31
N ARG C 78 18.20 -21.01 4.12
CA ARG C 78 17.52 -22.32 4.15
C ARG C 78 16.08 -22.15 3.64
N LEU C 79 15.52 -23.21 3.05
CA LEU C 79 14.11 -23.16 2.55
C LEU C 79 13.28 -24.25 3.24
N GLU C 80 12.14 -23.84 3.81
CA GLU C 80 11.11 -24.76 4.35
C GLU C 80 9.90 -24.76 3.38
N PRO C 81 8.92 -25.66 3.49
CA PRO C 81 7.75 -25.62 2.62
C PRO C 81 6.82 -24.44 2.94
N GLU C 82 6.99 -23.81 4.10
CA GLU C 82 6.21 -22.60 4.46
C GLU C 82 6.94 -21.36 3.93
N ASP C 83 7.57 -21.48 2.77
CA ASP C 83 8.18 -20.31 2.08
C ASP C 83 7.54 -20.13 0.70
N SER C 84 6.74 -21.10 0.27
CA SER C 84 6.06 -21.02 -1.06
C SER C 84 5.25 -19.74 -1.13
N ALA C 85 5.78 -18.69 -1.78
CA ALA C 85 5.01 -17.44 -1.81
C ALA C 85 5.46 -16.54 -2.97
N VAL C 86 4.82 -15.38 -3.14
CA VAL C 86 5.22 -14.43 -4.22
C VAL C 86 6.03 -13.29 -3.57
N TYR C 87 7.22 -13.00 -4.10
CA TYR C 87 8.09 -11.98 -3.46
C TYR C 87 8.22 -10.76 -4.39
N TYR C 88 7.97 -9.55 -3.87
CA TYR C 88 8.04 -8.32 -4.69
C TYR C 88 9.10 -7.38 -4.13
N CYS C 89 9.97 -6.85 -4.99
CA CYS C 89 10.94 -5.82 -4.50
C CYS C 89 10.38 -4.44 -4.85
N GLN C 90 10.12 -3.61 -3.84
CA GLN C 90 9.52 -2.28 -4.08
C GLN C 90 10.60 -1.22 -3.86
N GLN C 91 10.81 -0.36 -4.86
CA GLN C 91 11.80 0.74 -4.67
C GLN C 91 11.05 2.00 -4.21
N TYR C 92 10.99 2.14 -2.89
CA TYR C 92 10.44 3.35 -2.24
C TYR C 92 11.51 4.42 -2.33
N GLY C 93 12.39 4.28 -3.32
CA GLY C 93 13.51 5.22 -3.47
C GLY C 93 13.11 6.41 -4.31
N SER C 94 12.40 6.17 -5.41
CA SER C 94 12.03 7.25 -6.35
C SER C 94 10.58 7.67 -6.07
N SER C 95 9.84 8.03 -7.12
CA SER C 95 8.44 8.48 -6.98
C SER C 95 7.78 8.45 -8.36
N PRO C 96 6.62 7.78 -8.53
CA PRO C 96 5.96 7.11 -7.43
C PRO C 96 6.62 5.75 -7.13
N TRP C 97 6.32 5.20 -5.95
CA TRP C 97 7.06 4.04 -5.43
C TRP C 97 6.67 2.81 -6.26
N THR C 98 7.62 2.24 -7.01
CA THR C 98 7.26 1.24 -8.03
C THR C 98 7.45 -0.17 -7.46
N PHE C 99 6.38 -0.97 -7.42
CA PHE C 99 6.52 -2.38 -6.96
C PHE C 99 7.21 -3.22 -8.05
N GLY C 100 7.86 -4.31 -7.66
CA GLY C 100 8.54 -5.20 -8.61
C GLY C 100 7.57 -6.09 -9.36
N GLN C 101 8.02 -6.73 -10.45
CA GLN C 101 7.17 -7.66 -11.22
C GLN C 101 6.76 -8.81 -10.29
N GLY C 102 7.67 -9.26 -9.43
CA GLY C 102 7.33 -10.33 -8.47
C GLY C 102 7.86 -11.68 -8.90
N THR C 103 8.39 -12.46 -7.95
CA THR C 103 8.93 -13.81 -8.25
C THR C 103 8.17 -14.86 -7.45
N LYS C 104 7.96 -16.04 -8.03
CA LYS C 104 7.19 -17.11 -7.34
C LYS C 104 8.15 -18.22 -6.91
N VAL C 105 8.15 -18.57 -5.62
CA VAL C 105 9.05 -19.64 -5.11
C VAL C 105 8.22 -20.92 -4.96
N GLU C 106 8.69 -22.02 -5.57
CA GLU C 106 7.98 -23.32 -5.45
C GLU C 106 8.94 -24.35 -4.81
N ILE C 107 8.61 -24.82 -3.59
CA ILE C 107 9.53 -25.70 -2.82
C ILE C 107 9.42 -27.14 -3.32
N LYS C 108 10.51 -27.70 -3.83
CA LYS C 108 10.50 -28.97 -4.61
C LYS C 108 10.85 -30.14 -3.68
N ARG C 109 9.82 -30.76 -3.11
CA ARG C 109 9.96 -31.84 -2.09
C ARG C 109 9.62 -33.21 -2.70
N THR C 110 8.33 -33.48 -2.91
CA THR C 110 7.81 -34.86 -3.16
C THR C 110 7.15 -34.94 -4.55
N VAL C 111 7.00 -36.17 -5.05
CA VAL C 111 5.98 -36.52 -6.09
C VAL C 111 4.87 -37.35 -5.42
N ALA C 112 3.64 -36.85 -5.43
CA ALA C 112 2.59 -37.33 -4.52
C ALA C 112 1.52 -38.11 -5.29
N ALA C 113 1.77 -39.40 -5.54
CA ALA C 113 0.82 -40.27 -6.24
C ALA C 113 -0.61 -39.89 -5.83
N PRO C 114 -1.45 -39.37 -6.75
CA PRO C 114 -2.66 -38.64 -6.38
C PRO C 114 -3.80 -39.52 -5.89
N SER C 115 -4.82 -38.91 -5.27
CA SER C 115 -6.04 -39.65 -4.86
C SER C 115 -7.26 -39.14 -5.64
N VAL C 116 -7.82 -39.97 -6.53
CA VAL C 116 -8.92 -39.59 -7.47
C VAL C 116 -10.27 -40.05 -6.92
N PHE C 117 -11.25 -39.15 -6.86
CA PHE C 117 -12.63 -39.44 -6.42
C PHE C 117 -13.63 -38.76 -7.37
N ILE C 118 -14.79 -39.37 -7.58
CA ILE C 118 -15.90 -38.75 -8.36
C ILE C 118 -16.97 -38.28 -7.38
N PHE C 119 -17.67 -37.18 -7.67
CA PHE C 119 -18.84 -36.75 -6.85
C PHE C 119 -20.08 -36.60 -7.74
N PRO C 120 -20.67 -37.71 -8.24
CA PRO C 120 -21.62 -37.67 -9.35
C PRO C 120 -22.93 -36.95 -8.96
N PRO C 121 -23.71 -36.40 -9.91
CA PRO C 121 -24.81 -35.47 -9.60
C PRO C 121 -25.93 -36.12 -8.78
N SER C 122 -26.50 -35.33 -7.86
CA SER C 122 -27.56 -35.81 -6.94
C SER C 122 -28.84 -35.00 -7.14
N ASP C 123 -29.96 -35.47 -6.58
CA ASP C 123 -31.29 -34.91 -6.92
C ASP C 123 -31.53 -33.62 -6.11
N GLU C 124 -30.69 -32.60 -6.32
CA GLU C 124 -30.99 -31.23 -5.82
C GLU C 124 -30.80 -30.24 -6.96
N GLN C 125 -29.78 -30.45 -7.81
CA GLN C 125 -29.67 -29.67 -9.07
C GLN C 125 -29.90 -30.59 -10.25
N LEU C 126 -30.23 -31.86 -9.99
CA LEU C 126 -30.99 -32.69 -10.96
C LEU C 126 -32.49 -32.42 -10.77
N LYS C 127 -32.84 -31.35 -10.06
CA LYS C 127 -34.24 -30.84 -10.00
C LYS C 127 -34.26 -29.33 -10.30
N SER C 128 -33.25 -28.85 -11.03
CA SER C 128 -33.21 -27.49 -11.64
C SER C 128 -31.89 -27.27 -12.38
N GLY C 129 -31.93 -26.75 -13.61
CA GLY C 129 -30.81 -25.95 -14.14
C GLY C 129 -29.95 -26.70 -15.16
N THR C 130 -28.67 -26.89 -14.81
CA THR C 130 -27.71 -27.81 -15.46
C THR C 130 -26.84 -28.45 -14.36
N ALA C 131 -26.79 -29.78 -14.32
CA ALA C 131 -26.40 -30.54 -13.10
C ALA C 131 -24.92 -30.31 -12.75
N SER C 132 -24.04 -30.82 -13.62
CA SER C 132 -22.57 -30.90 -13.45
C SER C 132 -22.18 -32.14 -12.66
N VAL C 133 -21.24 -32.93 -13.20
CA VAL C 133 -20.45 -33.90 -12.41
C VAL C 133 -19.15 -33.21 -11.99
N VAL C 134 -18.32 -33.88 -11.18
CA VAL C 134 -17.00 -33.33 -10.75
C VAL C 134 -16.01 -34.48 -10.49
N CYS C 135 -14.72 -34.19 -10.64
CA CYS C 135 -13.61 -35.15 -10.35
C CYS C 135 -12.63 -34.52 -9.36
N LEU C 136 -12.59 -34.99 -8.11
CA LEU C 136 -11.60 -34.44 -7.13
C LEU C 136 -10.31 -35.27 -7.20
N LEU C 137 -9.17 -34.59 -7.19
CA LEU C 137 -7.85 -35.25 -7.22
C LEU C 137 -7.06 -34.74 -6.02
N ASN C 138 -7.29 -35.34 -4.84
CA ASN C 138 -6.81 -34.70 -3.58
C ASN C 138 -5.40 -35.21 -3.26
N ASN C 139 -4.53 -34.28 -2.84
CA ASN C 139 -3.11 -34.55 -2.49
C ASN C 139 -2.37 -35.12 -3.70
N PHE C 140 -1.60 -34.26 -4.38
CA PHE C 140 -0.84 -34.62 -5.59
C PHE C 140 0.31 -33.61 -5.78
N TYR C 141 1.48 -34.07 -6.21
CA TYR C 141 2.60 -33.14 -6.55
C TYR C 141 3.34 -33.68 -7.77
N PRO C 142 3.65 -32.85 -8.79
CA PRO C 142 3.36 -31.42 -8.75
C PRO C 142 2.07 -31.03 -9.49
N ARG C 143 2.11 -29.92 -10.24
CA ARG C 143 0.89 -29.43 -10.95
C ARG C 143 0.73 -30.16 -12.29
N GLU C 144 1.65 -31.07 -12.64
CA GLU C 144 1.59 -31.75 -13.96
C GLU C 144 0.59 -32.91 -13.90
N ALA C 145 -0.70 -32.62 -13.77
CA ALA C 145 -1.74 -33.68 -13.78
C ALA C 145 -2.80 -33.30 -14.83
N LYS C 146 -3.16 -34.24 -15.70
CA LYS C 146 -4.19 -33.98 -16.75
C LYS C 146 -5.35 -34.96 -16.58
N VAL C 147 -6.58 -34.45 -16.58
CA VAL C 147 -7.78 -35.33 -16.41
C VAL C 147 -8.68 -35.22 -17.64
N GLN C 148 -9.06 -36.36 -18.24
CA GLN C 148 -10.00 -36.33 -19.38
C GLN C 148 -11.26 -37.12 -18.99
N TRP C 149 -12.44 -36.54 -19.22
CA TRP C 149 -13.70 -37.20 -18.81
C TRP C 149 -14.01 -38.40 -19.73
N LYS C 150 -14.47 -39.51 -19.15
CA LYS C 150 -14.88 -40.68 -19.97
C LYS C 150 -16.39 -40.87 -19.74
N VAL C 151 -17.19 -40.85 -20.81
CA VAL C 151 -18.66 -40.93 -20.65
C VAL C 151 -19.16 -42.22 -21.31
N ASP C 152 -19.71 -43.16 -20.53
CA ASP C 152 -20.22 -44.46 -21.07
C ASP C 152 -19.11 -45.14 -21.88
N ASN C 153 -17.87 -45.12 -21.39
CA ASN C 153 -16.72 -45.76 -22.08
C ASN C 153 -16.45 -45.07 -23.43
N ALA C 154 -16.82 -43.79 -23.56
CA ALA C 154 -16.53 -43.03 -24.80
C ALA C 154 -15.85 -41.71 -24.40
N LEU C 155 -14.75 -41.34 -25.07
CA LEU C 155 -13.93 -40.18 -24.65
C LEU C 155 -14.70 -38.87 -24.92
N GLN C 156 -14.29 -37.80 -24.24
CA GLN C 156 -15.10 -36.55 -24.21
C GLN C 156 -14.30 -35.40 -24.86
N SER C 157 -15.00 -34.32 -25.23
CA SER C 157 -14.38 -33.15 -25.90
C SER C 157 -13.81 -32.16 -24.87
N GLY C 158 -13.55 -30.93 -25.29
CA GLY C 158 -13.03 -29.87 -24.40
C GLY C 158 -14.14 -29.10 -23.71
N ASN C 159 -15.16 -29.82 -23.22
CA ASN C 159 -16.29 -29.19 -22.46
C ASN C 159 -16.04 -29.30 -20.96
N SER C 160 -14.83 -29.74 -20.58
CA SER C 160 -14.41 -29.77 -19.16
C SER C 160 -14.01 -28.36 -18.71
N GLN C 161 -13.40 -28.28 -17.52
CA GLN C 161 -12.87 -27.01 -16.95
C GLN C 161 -12.16 -27.36 -15.64
N GLU C 162 -10.82 -27.41 -15.65
CA GLU C 162 -10.12 -27.95 -14.44
C GLU C 162 -9.58 -26.80 -13.59
N SER C 163 -9.87 -26.81 -12.28
CA SER C 163 -9.33 -25.77 -11.36
C SER C 163 -8.40 -26.42 -10.34
N VAL C 164 -7.18 -25.90 -10.20
CA VAL C 164 -6.19 -26.51 -9.26
C VAL C 164 -5.83 -25.49 -8.17
N THR C 165 -5.93 -25.89 -6.90
CA THR C 165 -5.62 -24.98 -5.76
C THR C 165 -4.09 -24.83 -5.61
N GLU C 166 -3.65 -23.74 -4.97
CA GLU C 166 -2.20 -23.50 -4.75
C GLU C 166 -1.68 -24.48 -3.69
N GLN C 167 -0.36 -24.73 -3.65
CA GLN C 167 0.22 -25.71 -2.69
C GLN C 167 -0.05 -25.25 -1.25
N ASP C 168 -0.37 -26.21 -0.36
CA ASP C 168 -0.66 -25.88 1.06
C ASP C 168 0.63 -25.41 1.74
N SER C 169 0.51 -24.56 2.76
CA SER C 169 1.71 -23.99 3.43
C SER C 169 2.55 -25.12 4.07
N LYS C 170 1.90 -26.10 4.72
CA LYS C 170 2.67 -27.23 5.30
C LYS C 170 2.68 -28.42 4.32
N ASP C 171 1.53 -28.78 3.74
CA ASP C 171 1.44 -29.98 2.87
C ASP C 171 2.30 -29.81 1.61
N SER C 172 2.32 -28.60 1.03
CA SER C 172 3.07 -28.36 -0.23
C SER C 172 2.60 -29.33 -1.32
N THR C 173 1.28 -29.55 -1.40
CA THR C 173 0.67 -30.47 -2.37
C THR C 173 -0.42 -29.74 -3.17
N TYR C 174 -0.76 -30.24 -4.36
CA TYR C 174 -1.66 -29.53 -5.32
C TYR C 174 -2.91 -30.36 -5.60
N SER C 175 -4.08 -29.91 -5.15
CA SER C 175 -5.34 -30.68 -5.35
C SER C 175 -6.14 -30.07 -6.50
N LEU C 176 -6.97 -30.88 -7.19
CA LEU C 176 -7.60 -30.46 -8.47
C LEU C 176 -9.12 -30.67 -8.39
N SER C 177 -9.88 -30.05 -9.30
CA SER C 177 -11.34 -30.28 -9.39
C SER C 177 -11.83 -30.12 -10.82
N SER C 178 -11.55 -31.10 -11.68
CA SER C 178 -12.05 -31.07 -13.08
C SER C 178 -13.57 -31.22 -13.07
N THR C 179 -14.28 -30.32 -13.74
CA THR C 179 -15.77 -30.33 -13.70
C THR C 179 -16.34 -30.58 -15.09
N LEU C 180 -17.47 -31.29 -15.18
CA LEU C 180 -18.13 -31.53 -16.49
C LEU C 180 -19.61 -31.16 -16.35
N THR C 181 -19.94 -29.86 -16.43
CA THR C 181 -21.36 -29.45 -16.38
C THR C 181 -22.06 -30.01 -17.62
N LEU C 182 -23.30 -30.52 -17.48
CA LEU C 182 -24.01 -31.03 -18.68
C LEU C 182 -25.44 -30.47 -18.72
N SER C 183 -26.08 -30.59 -19.89
CA SER C 183 -27.53 -30.33 -20.05
C SER C 183 -28.32 -31.19 -19.08
N LYS C 184 -29.19 -30.56 -18.29
CA LYS C 184 -29.82 -31.15 -17.09
C LYS C 184 -30.57 -32.44 -17.48
N ALA C 185 -30.99 -32.58 -18.72
CA ALA C 185 -31.86 -33.72 -19.11
C ALA C 185 -31.01 -34.94 -19.50
N ASP C 186 -29.76 -34.72 -19.90
CA ASP C 186 -28.97 -35.73 -20.66
C ASP C 186 -28.30 -36.71 -19.69
N TYR C 187 -29.11 -37.48 -18.95
CA TYR C 187 -28.60 -38.51 -17.99
C TYR C 187 -29.45 -39.78 -18.12
N GLU C 188 -29.58 -40.27 -19.36
CA GLU C 188 -30.49 -41.39 -19.69
C GLU C 188 -29.67 -42.69 -19.70
N LYS C 189 -28.96 -42.95 -20.81
CA LYS C 189 -28.30 -44.26 -21.05
C LYS C 189 -26.80 -44.16 -20.78
N HIS C 190 -26.31 -42.96 -20.45
CA HIS C 190 -24.88 -42.78 -20.08
C HIS C 190 -24.63 -43.35 -18.68
N LYS C 191 -24.81 -44.66 -18.52
CA LYS C 191 -24.76 -45.37 -17.21
C LYS C 191 -23.54 -44.98 -16.38
N VAL C 192 -22.36 -44.80 -17.00
CA VAL C 192 -21.13 -44.56 -16.18
C VAL C 192 -20.42 -43.26 -16.55
N TYR C 193 -19.81 -42.59 -15.57
CA TYR C 193 -19.02 -41.35 -15.83
C TYR C 193 -17.68 -41.48 -15.08
N ALA C 194 -16.58 -41.00 -15.66
CA ALA C 194 -15.25 -41.21 -15.03
C ALA C 194 -14.26 -40.12 -15.42
N CYS C 195 -13.18 -39.96 -14.63
CA CYS C 195 -12.10 -39.00 -15.01
C CYS C 195 -10.78 -39.79 -15.10
N GLU C 196 -10.03 -39.62 -16.21
CA GLU C 196 -8.79 -40.41 -16.40
C GLU C 196 -7.59 -39.52 -16.03
N VAL C 197 -6.75 -39.96 -15.09
CA VAL C 197 -5.64 -39.07 -14.60
C VAL C 197 -4.28 -39.57 -15.07
N THR C 198 -3.47 -38.67 -15.65
CA THR C 198 -2.08 -39.03 -16.03
C THR C 198 -1.15 -38.20 -15.15
N HIS C 199 -0.27 -38.85 -14.38
CA HIS C 199 0.61 -38.13 -13.43
C HIS C 199 1.98 -38.82 -13.37
N GLN C 200 3.01 -38.06 -13.00
CA GLN C 200 4.25 -38.66 -12.46
C GLN C 200 3.87 -39.72 -11.43
N GLY C 201 2.83 -39.46 -10.65
CA GLY C 201 2.30 -40.40 -9.64
C GLY C 201 1.51 -41.53 -10.27
N LEU C 202 1.81 -42.76 -9.84
CA LEU C 202 1.04 -44.00 -10.10
C LEU C 202 1.23 -44.45 -11.54
N SER C 203 1.66 -45.70 -11.73
CA SER C 203 2.09 -46.23 -13.04
C SER C 203 1.05 -45.88 -14.12
N SER C 204 -0.22 -46.20 -13.87
CA SER C 204 -1.26 -46.23 -14.94
C SER C 204 -2.06 -44.92 -14.95
N PRO C 205 -2.79 -44.62 -16.05
CA PRO C 205 -4.01 -43.81 -15.98
C PRO C 205 -5.03 -44.42 -15.03
N VAL C 206 -5.28 -43.75 -13.90
CA VAL C 206 -6.24 -44.23 -12.87
C VAL C 206 -7.66 -43.77 -13.26
N THR C 207 -8.39 -44.59 -14.02
CA THR C 207 -9.78 -44.23 -14.41
C THR C 207 -10.74 -44.59 -13.27
N LYS C 208 -12.04 -44.33 -13.45
CA LYS C 208 -13.04 -44.52 -12.35
C LYS C 208 -14.39 -45.00 -12.90
N SER C 209 -15.44 -44.93 -12.07
CA SER C 209 -16.71 -45.67 -12.30
C SER C 209 -17.86 -45.04 -11.50
N PHE C 210 -19.02 -44.85 -12.15
CA PHE C 210 -20.20 -44.19 -11.52
C PHE C 210 -21.34 -45.20 -11.40
N ASN C 211 -21.87 -45.69 -12.53
CA ASN C 211 -23.01 -46.64 -12.53
C ASN C 211 -24.19 -46.02 -11.78
N ARG C 212 -24.42 -46.47 -10.53
CA ARG C 212 -25.50 -45.94 -9.67
C ARG C 212 -26.79 -45.79 -10.49
#